data_9QJ3
#
_entry.id   9QJ3
#
_cell.length_a   111.361
_cell.length_b   111.361
_cell.length_c   242.068
_cell.angle_alpha   90.00
_cell.angle_beta   90.00
_cell.angle_gamma   90.00
#
_symmetry.space_group_name_H-M   'P 43 21 2'
#
loop_
_entity.id
_entity.type
_entity.pdbx_description
1 polymer 'Myeloperoxidase heavy chain'
2 polymer 'Myeloperoxidase light chain'
3 polymer 'Myeloperoxidase inhibitor SPIN'
4 branched 2-acetamido-2-deoxy-beta-D-glucopyranose-(1-4)-2-acetamido-2-deoxy-beta-D-glucopyranose
5 branched alpha-D-mannopyranose-(1-3)-[alpha-D-mannopyranose-(1-6)]2-acetamido-2-deoxy-beta-D-glucopyranose-(1-4)-2-acetamido-2-deoxy-beta-D-glucopyranose-(1-4)-[alpha-L-fucopyranose-(1-6)]2-acetamido-2-deoxy-beta-D-glucopyranose
6 branched alpha-D-mannopyranose-(1-3)-[alpha-D-mannopyranose-(1-6)]beta-D-mannopyranose-(1-4)-2-acetamido-2-deoxy-beta-D-glucopyranose-(1-4)-[alpha-L-fucopyranose-(1-6)]2-acetamido-2-deoxy-beta-D-glucopyranose
7 non-polymer 'IODIDE ION'
8 non-polymer 'CALCIUM ION'
9 non-polymer 'PROTOPORPHYRIN IX CONTAINING FE'
10 water water
#
loop_
_entity_poly.entity_id
_entity_poly.type
_entity_poly.pdbx_seq_one_letter_code
_entity_poly.pdbx_strand_id
1 'polypeptide(L)'
;VNCETSCVQQPPCFPLKIPPNDPRIKNQADCIPFFRS(CSO)PACPGSNITIRNQINALTSFVDASMVYGSEEPLARNLR
NMSNQLGLLAVNQRFQDNGRALLPFDNLHDDPCLLTNRSARIPCFLAGDTRSSEMPELTSMHTLLLREHNRLATELKSLN
PRWDGERLYQEARKIVGAMVQIITYRDYLPLVLGPTAMRKYLPTYRSYNDSVDPRIANVFTNAFRYGHTLIQPFMFRLDN
RYQPMEPNPRVPLSRVFFASWRVVLEGGIDPILRGLMATPAKLNRQNQIAVDEIRERLFEQVMRIGLDLPALNMQRSRDH
GLPGYNAWRRFCGLPQPETVGQLGTVLRNLKLARKLMEQYGTPNNIDIWMGGVSEPLKRKGRVGPLLACIIGTQFRKLRD
GDRFWWENEGVFSMQQRQALAQISLPRIICDNTGITTVSKNNIFMSNSYPRDFVNCSTLPALNLASWREAS
;
B,D
2 'polypeptide(L)'
;VTCPEQDKYRTITGMCNNRRSPTLGASNRAFVRWLPAEYEDGFSLPYGWTPGVKRNGFPVALARAVSNEIVRFPTDQLTP
DQERSLMFMQWGQLLDHDLDFTPEPAARASFVTG
;
A,C
3 'polypeptide(L)' ANFLEHELSYIDVLLDKNADQATKDNLRSYFADKGLHSIKDIINKAKQDGFDVSKYEHVK E,F
#
# COMPACT_ATOMS: atom_id res chain seq x y z
N VAL A 1 10.89 23.10 -17.41
CA VAL A 1 10.08 22.95 -18.66
C VAL A 1 8.60 23.02 -18.28
N ASN A 2 7.93 23.98 -18.90
CA ASN A 2 6.52 24.19 -18.60
C ASN A 2 5.70 23.17 -19.39
N CYS A 3 5.02 22.26 -18.71
CA CYS A 3 4.33 21.19 -19.40
C CYS A 3 3.21 21.72 -20.29
N GLU A 4 2.79 22.98 -20.05
CA GLU A 4 1.71 23.60 -20.79
C GLU A 4 2.14 24.03 -22.21
N THR A 5 3.42 24.40 -22.41
CA THR A 5 3.92 24.92 -23.66
C THR A 5 5.04 24.08 -24.27
N SER A 6 5.65 23.20 -23.48
CA SER A 6 6.73 22.39 -23.98
C SER A 6 6.24 21.00 -24.37
N CYS A 7 6.87 20.45 -25.40
CA CYS A 7 6.58 19.12 -25.84
C CYS A 7 7.73 18.20 -25.51
N VAL A 8 8.73 18.76 -24.82
CA VAL A 8 9.86 17.95 -24.37
C VAL A 8 9.40 17.08 -23.22
N GLN A 9 9.84 15.81 -23.25
CA GLN A 9 9.53 14.89 -22.18
C GLN A 9 10.65 14.88 -21.14
N GLN A 10 10.42 15.68 -20.09
CA GLN A 10 11.29 15.80 -18.93
C GLN A 10 10.41 15.89 -17.69
N PRO A 11 10.70 15.20 -16.58
CA PRO A 11 9.86 15.31 -15.40
C PRO A 11 9.60 16.78 -15.06
N PRO A 12 8.36 17.21 -14.77
CA PRO A 12 7.21 16.38 -14.43
C PRO A 12 6.19 16.11 -15.57
N CYS A 13 6.66 16.21 -16.84
CA CYS A 13 5.80 16.32 -18.00
C CYS A 13 5.74 14.99 -18.76
N PHE A 14 4.54 14.61 -19.18
CA PHE A 14 4.34 13.37 -19.93
C PHE A 14 3.46 13.62 -21.15
N PRO A 15 3.92 14.48 -22.09
CA PRO A 15 3.08 14.92 -23.20
C PRO A 15 2.62 13.79 -24.09
N LEU A 16 1.39 13.90 -24.60
CA LEU A 16 0.90 12.98 -25.60
C LEU A 16 1.48 13.30 -26.99
N LYS A 17 2.15 12.31 -27.57
CA LYS A 17 2.63 12.45 -28.92
C LYS A 17 1.43 12.37 -29.87
N ILE A 18 1.63 12.89 -31.07
CA ILE A 18 0.63 12.94 -32.12
C ILE A 18 0.92 11.82 -33.11
N PRO A 19 -0.07 10.99 -33.48
CA PRO A 19 0.14 10.02 -34.53
C PRO A 19 0.22 10.67 -35.90
N PRO A 20 0.87 10.00 -36.87
CA PRO A 20 0.73 10.43 -38.27
C PRO A 20 -0.73 10.31 -38.74
N ASN A 21 -1.17 11.26 -39.57
CA ASN A 21 -2.53 11.22 -40.15
C ASN A 21 -3.57 11.50 -39.07
N ASP A 22 -3.22 12.38 -38.15
CA ASP A 22 -4.17 12.83 -37.16
C ASP A 22 -5.21 13.67 -37.87
N PRO A 23 -6.51 13.45 -37.63
CA PRO A 23 -7.55 14.23 -38.28
C PRO A 23 -7.54 15.72 -37.91
N ARG A 24 -6.99 16.08 -36.74
CA ARG A 24 -7.03 17.46 -36.25
C ARG A 24 -5.64 18.12 -36.20
N ILE A 25 -4.65 17.42 -35.68
CA ILE A 25 -3.33 17.97 -35.40
C ILE A 25 -2.36 17.52 -36.48
N LYS A 26 -2.14 18.42 -37.45
CA LYS A 26 -1.40 18.10 -38.65
C LYS A 26 0.09 18.14 -38.36
N ASN A 27 0.45 18.81 -37.25
CA ASN A 27 1.83 19.02 -36.86
C ASN A 27 2.31 17.91 -35.91
N GLN A 28 3.13 16.96 -36.42
CA GLN A 28 3.55 15.84 -35.60
C GLN A 28 4.55 16.25 -34.51
N ALA A 29 5.13 17.45 -34.61
CA ALA A 29 6.07 17.90 -33.59
C ALA A 29 5.34 18.53 -32.44
N ASP A 30 4.02 18.71 -32.58
CA ASP A 30 3.20 19.23 -31.50
C ASP A 30 2.84 18.06 -30.59
N CYS A 31 2.13 18.37 -29.52
CA CYS A 31 1.87 17.39 -28.48
C CYS A 31 0.64 17.88 -27.72
N ILE A 32 0.08 17.02 -26.87
CA ILE A 32 -1.00 17.40 -25.97
C ILE A 32 -0.41 17.46 -24.58
N PRO A 33 -0.55 18.60 -23.86
CA PRO A 33 -0.04 18.79 -22.51
C PRO A 33 -0.51 17.78 -21.46
N PHE A 34 0.43 17.36 -20.62
CA PHE A 34 0.13 16.46 -19.53
C PHE A 34 1.19 16.60 -18.43
N PHE A 35 0.73 16.90 -17.21
CA PHE A 35 1.55 16.87 -16.03
C PHE A 35 1.27 15.56 -15.29
N ARG A 36 2.32 14.80 -14.96
CA ARG A 36 2.12 13.59 -14.20
C ARG A 36 1.59 13.98 -12.83
N SER A 37 0.72 13.14 -12.27
CA SER A 37 0.14 13.39 -10.98
C SER A 37 1.21 13.33 -9.88
N PRO A 39 3.45 12.59 -6.89
CA PRO A 39 3.79 11.42 -6.11
C PRO A 39 3.70 11.60 -4.59
N ALA A 40 3.25 10.54 -3.91
CA ALA A 40 3.10 10.56 -2.48
C ALA A 40 4.45 10.70 -1.82
N CYS A 41 5.44 10.02 -2.42
CA CYS A 41 6.80 10.05 -1.91
C CYS A 41 7.73 10.56 -3.00
N PRO A 42 7.81 11.89 -3.18
CA PRO A 42 8.56 12.43 -4.30
C PRO A 42 10.03 12.07 -4.20
N GLY A 43 10.58 11.54 -5.29
CA GLY A 43 12.02 11.44 -5.42
C GLY A 43 12.57 10.07 -5.01
N SER A 44 11.71 9.16 -4.52
CA SER A 44 12.18 7.92 -3.90
C SER A 44 12.60 6.90 -4.95
N ASN A 45 13.72 6.21 -4.68
CA ASN A 45 14.10 5.04 -5.48
C ASN A 45 13.55 3.74 -4.88
N ILE A 46 13.07 3.77 -3.63
CA ILE A 46 12.66 2.59 -2.90
C ILE A 46 11.16 2.33 -3.02
N THR A 47 10.32 3.37 -2.94
CA THR A 47 8.89 3.15 -2.92
C THR A 47 8.37 3.03 -4.35
N ILE A 48 7.18 2.47 -4.47
CA ILE A 48 6.50 2.35 -5.75
C ILE A 48 5.54 3.51 -5.87
N ARG A 49 5.69 4.25 -6.94
CA ARG A 49 5.08 5.55 -7.00
C ARG A 49 3.58 5.41 -6.85
N ASN A 50 2.99 6.37 -6.19
CA ASN A 50 1.56 6.40 -6.01
C ASN A 50 1.08 7.84 -5.89
N GLN A 51 -0.17 8.07 -6.27
CA GLN A 51 -0.74 9.40 -6.32
C GLN A 51 -1.60 9.66 -5.09
N ILE A 52 -2.12 10.90 -5.03
CA ILE A 52 -2.73 11.42 -3.84
C ILE A 52 -4.16 11.85 -4.16
N ASN A 53 -5.07 11.62 -3.23
CA ASN A 53 -6.41 12.18 -3.25
C ASN A 53 -6.44 13.38 -2.32
N ALA A 54 -6.87 14.53 -2.84
CA ALA A 54 -6.82 15.75 -2.04
C ALA A 54 -8.14 16.04 -1.32
N LEU A 55 -9.11 15.12 -1.44
CA LEU A 55 -10.44 15.27 -0.89
C LEU A 55 -10.82 14.11 0.05
N THR A 56 -11.96 14.25 0.76
CA THR A 56 -12.44 13.18 1.63
C THR A 56 -13.13 12.15 0.76
N SER A 57 -12.77 10.89 0.93
CA SER A 57 -13.35 9.80 0.14
C SER A 57 -14.86 9.69 0.41
N PHE A 58 -15.27 10.09 1.61
CA PHE A 58 -16.65 9.94 2.04
C PHE A 58 -17.58 10.81 1.20
N VAL A 59 -18.83 10.35 1.10
CA VAL A 59 -19.89 11.10 0.45
C VAL A 59 -20.46 12.02 1.52
N ASP A 60 -19.81 13.19 1.67
CA ASP A 60 -20.02 14.06 2.83
C ASP A 60 -20.25 15.49 2.38
N ALA A 61 -20.44 15.64 1.07
CA ALA A 61 -20.70 16.90 0.43
C ALA A 61 -19.48 17.79 0.50
N SER A 62 -18.32 17.16 0.45
CA SER A 62 -17.07 17.88 0.58
C SER A 62 -16.90 18.86 -0.58
N MET A 63 -17.59 18.64 -1.71
CA MET A 63 -17.49 19.58 -2.83
C MET A 63 -18.24 20.88 -2.51
N VAL A 64 -19.14 20.83 -1.53
CA VAL A 64 -19.78 22.04 -1.03
C VAL A 64 -18.93 22.72 0.02
N TYR A 65 -18.43 21.92 0.99
CA TYR A 65 -17.93 22.40 2.27
C TYR A 65 -16.41 22.51 2.34
N GLY A 66 -15.69 21.85 1.42
CA GLY A 66 -14.24 21.83 1.49
C GLY A 66 -13.74 20.58 2.18
N SER A 67 -12.46 20.25 1.92
CA SER A 67 -11.81 19.06 2.47
C SER A 67 -10.59 19.47 3.31
N GLU A 68 -10.44 20.78 3.57
CA GLU A 68 -9.30 21.37 4.24
C GLU A 68 -9.89 22.43 5.15
N GLU A 69 -9.38 22.60 6.37
CA GLU A 69 -10.13 23.37 7.38
C GLU A 69 -10.07 24.88 7.10
N PRO A 70 -8.92 25.45 6.61
CA PRO A 70 -8.88 26.85 6.22
C PRO A 70 -9.94 27.20 5.17
N LEU A 71 -9.92 26.47 4.04
CA LEU A 71 -10.92 26.59 3.00
C LEU A 71 -12.34 26.48 3.56
N ALA A 72 -12.63 25.48 4.40
CA ALA A 72 -13.98 25.35 4.95
C ALA A 72 -14.39 26.60 5.73
N ARG A 73 -13.44 27.24 6.44
CA ARG A 73 -13.70 28.46 7.18
C ARG A 73 -13.98 29.57 6.17
N ASN A 74 -13.26 29.59 5.03
CA ASN A 74 -13.36 30.69 4.10
C ASN A 74 -14.66 30.64 3.33
N LEU A 75 -15.23 29.44 3.20
CA LEU A 75 -16.51 29.24 2.56
C LEU A 75 -17.68 29.68 3.44
N ARG A 76 -17.42 30.06 4.69
CA ARG A 76 -18.50 30.38 5.63
C ARG A 76 -18.67 31.87 5.78
N ASN A 77 -19.95 32.27 5.96
CA ASN A 77 -20.37 33.63 6.24
C ASN A 77 -20.16 33.88 7.72
N MET A 78 -19.06 34.57 8.03
CA MET A 78 -18.59 34.75 9.38
C MET A 78 -18.95 36.14 9.90
N SER A 79 -19.95 36.82 9.29
CA SER A 79 -20.38 38.14 9.72
C SER A 79 -21.59 38.09 10.64
N ASN A 80 -22.08 36.89 10.97
CA ASN A 80 -23.24 36.71 11.82
C ASN A 80 -23.20 35.28 12.34
N GLN A 81 -24.21 34.90 13.11
CA GLN A 81 -24.23 33.60 13.76
C GLN A 81 -25.28 32.68 13.17
N LEU A 82 -25.50 32.75 11.86
CA LEU A 82 -26.64 32.09 11.25
C LEU A 82 -26.22 30.76 10.65
N GLY A 83 -24.91 30.50 10.65
CA GLY A 83 -24.39 29.22 10.19
C GLY A 83 -24.49 29.03 8.68
N LEU A 84 -24.36 30.15 7.90
CA LEU A 84 -24.56 30.14 6.46
C LEU A 84 -23.24 30.02 5.70
N LEU A 85 -23.32 29.60 4.44
CA LEU A 85 -22.18 29.67 3.52
C LEU A 85 -22.12 31.05 2.87
N ALA A 86 -20.91 31.50 2.56
CA ALA A 86 -20.70 32.79 1.90
C ALA A 86 -21.30 32.77 0.48
N VAL A 87 -21.87 33.92 0.08
CA VAL A 87 -22.54 34.03 -1.20
C VAL A 87 -21.93 35.23 -1.93
N ASN A 88 -22.10 35.24 -3.25
CA ASN A 88 -21.56 36.28 -4.10
C ASN A 88 -22.06 37.62 -3.58
N GLN A 89 -21.18 38.63 -3.59
CA GLN A 89 -21.48 39.93 -3.06
C GLN A 89 -21.72 40.93 -4.17
N ARG A 90 -21.47 40.52 -5.42
CA ARG A 90 -21.63 41.40 -6.57
C ARG A 90 -22.90 41.08 -7.37
N PHE A 91 -23.28 39.81 -7.45
CA PHE A 91 -24.34 39.40 -8.34
C PHE A 91 -25.31 38.50 -7.58
N GLN A 92 -26.56 38.53 -8.05
CA GLN A 92 -27.60 37.58 -7.72
C GLN A 92 -28.24 37.03 -9.01
N ASP A 93 -29.06 35.98 -8.82
CA ASP A 93 -29.79 35.27 -9.86
C ASP A 93 -31.29 35.43 -9.57
N ASN A 94 -31.88 36.51 -10.08
CA ASN A 94 -33.26 36.84 -9.80
C ASN A 94 -33.57 36.62 -8.32
N GLY A 95 -32.77 37.31 -7.48
CA GLY A 95 -32.97 37.40 -6.05
C GLY A 95 -32.18 36.36 -5.25
N ARG A 96 -31.58 35.38 -5.96
CA ARG A 96 -31.07 34.20 -5.29
C ARG A 96 -29.56 34.20 -5.33
N ALA A 97 -28.93 33.40 -4.45
CA ALA A 97 -27.50 33.46 -4.24
C ALA A 97 -26.73 32.87 -5.41
N LEU A 98 -25.52 33.41 -5.62
CA LEU A 98 -24.52 32.72 -6.41
C LEU A 98 -23.31 32.38 -5.53
N LEU A 99 -22.53 31.39 -5.97
CA LEU A 99 -21.25 31.11 -5.36
C LEU A 99 -20.42 32.37 -5.41
N PRO A 100 -19.58 32.61 -4.38
CA PRO A 100 -18.67 33.74 -4.44
C PRO A 100 -17.62 33.48 -5.49
N PHE A 101 -16.87 34.52 -5.84
CA PHE A 101 -15.78 34.41 -6.78
C PHE A 101 -14.50 34.07 -6.05
N ASP A 102 -13.70 33.20 -6.66
CA ASP A 102 -12.39 32.84 -6.17
C ASP A 102 -11.39 33.86 -6.66
N ASN A 103 -10.23 33.93 -6.01
CA ASN A 103 -9.15 34.80 -6.43
C ASN A 103 -7.97 33.94 -6.91
N LEU A 104 -7.92 33.60 -8.21
CA LEU A 104 -6.85 32.75 -8.71
C LEU A 104 -5.73 33.56 -9.35
N HIS A 105 -4.50 33.04 -9.20
CA HIS A 105 -3.30 33.58 -9.81
C HIS A 105 -3.42 33.57 -11.33
N ASP A 106 -3.83 32.42 -11.88
CA ASP A 106 -4.13 32.27 -13.29
C ASP A 106 -5.56 31.74 -13.43
N ASP A 107 -6.50 32.64 -13.73
CA ASP A 107 -7.92 32.33 -13.70
C ASP A 107 -8.38 32.04 -15.13
N PRO A 108 -8.74 30.78 -15.47
CA PRO A 108 -9.11 30.42 -16.83
C PRO A 108 -10.47 30.97 -17.25
N CYS A 109 -11.36 31.19 -16.29
CA CYS A 109 -12.69 31.72 -16.61
C CYS A 109 -12.62 33.08 -17.31
N LEU A 110 -11.69 33.94 -16.89
CA LEU A 110 -11.54 35.26 -17.44
C LEU A 110 -11.17 35.22 -18.92
N LEU A 111 -10.75 34.04 -19.38
CA LEU A 111 -10.23 33.94 -20.74
C LEU A 111 -11.34 33.57 -21.70
N THR A 112 -12.45 33.04 -21.19
CA THR A 112 -13.51 32.50 -22.02
C THR A 112 -14.25 33.65 -22.69
N ASN A 113 -14.50 34.75 -21.98
CA ASN A 113 -15.12 35.92 -22.58
C ASN A 113 -14.40 37.12 -21.99
N ARG A 114 -13.38 37.60 -22.70
CA ARG A 114 -12.48 38.63 -22.22
C ARG A 114 -13.20 39.93 -21.84
N SER A 115 -14.41 40.21 -22.35
CA SER A 115 -15.01 41.51 -22.11
C SER A 115 -15.83 41.51 -20.81
N ALA A 116 -16.36 40.32 -20.43
CA ALA A 116 -17.29 40.19 -19.32
C ALA A 116 -16.56 40.19 -17.97
N ARG A 117 -15.27 39.82 -17.98
CA ARG A 117 -14.40 39.90 -16.80
C ARG A 117 -15.06 39.26 -15.56
N ILE A 118 -15.49 38.00 -15.70
CA ILE A 118 -16.14 37.26 -14.63
C ILE A 118 -15.19 36.14 -14.28
N PRO A 119 -14.61 36.13 -13.04
CA PRO A 119 -13.63 35.12 -12.65
C PRO A 119 -14.29 33.79 -12.32
N CYS A 120 -13.50 32.77 -11.97
CA CYS A 120 -14.06 31.51 -11.54
C CYS A 120 -14.71 31.60 -10.16
N PHE A 121 -15.59 30.64 -9.86
CA PHE A 121 -16.33 30.60 -8.60
C PHE A 121 -15.48 29.89 -7.56
N LEU A 122 -15.81 30.13 -6.28
CA LEU A 122 -15.21 29.48 -5.11
C LEU A 122 -16.20 28.49 -4.48
N ALA A 123 -15.71 27.27 -4.28
CA ALA A 123 -16.50 26.19 -3.74
C ALA A 123 -15.60 25.19 -3.06
N GLY A 124 -16.22 24.15 -2.48
CA GLY A 124 -15.55 23.11 -1.71
C GLY A 124 -14.53 22.35 -2.55
N ASP A 125 -14.83 22.15 -3.83
CA ASP A 125 -13.87 21.59 -4.77
C ASP A 125 -13.47 22.68 -5.78
N THR A 126 -12.28 22.53 -6.37
CA THR A 126 -11.66 23.57 -7.17
C THR A 126 -12.18 23.60 -8.60
N ARG A 127 -13.05 22.64 -8.97
CA ARG A 127 -13.43 22.49 -10.37
C ARG A 127 -14.87 22.94 -10.64
N SER A 128 -15.46 23.75 -9.77
CA SER A 128 -16.89 24.05 -9.85
C SER A 128 -17.24 24.84 -11.11
N SER A 129 -16.27 25.53 -11.71
CA SER A 129 -16.55 26.41 -12.83
C SER A 129 -16.28 25.75 -14.19
N GLU A 130 -16.03 24.46 -14.21
CA GLU A 130 -15.51 23.83 -15.41
C GLU A 130 -16.60 23.81 -16.48
N MET A 131 -17.84 23.56 -16.09
CA MET A 131 -18.95 23.65 -17.02
C MET A 131 -20.11 24.26 -16.24
N PRO A 132 -20.90 25.19 -16.84
CA PRO A 132 -21.99 25.83 -16.13
C PRO A 132 -23.02 24.87 -15.53
N GLU A 133 -23.12 23.68 -16.12
CA GLU A 133 -24.06 22.71 -15.57
C GLU A 133 -23.56 22.26 -14.21
N LEU A 134 -22.26 22.02 -14.09
CA LEU A 134 -21.69 21.67 -12.80
C LEU A 134 -21.85 22.83 -11.81
N THR A 135 -21.58 24.07 -12.24
CA THR A 135 -21.72 25.25 -11.41
C THR A 135 -23.14 25.39 -10.88
N SER A 136 -24.10 25.06 -11.73
CA SER A 136 -25.50 25.18 -11.31
C SER A 136 -25.83 24.23 -10.15
N MET A 137 -25.21 23.05 -10.16
CA MET A 137 -25.44 22.05 -9.13
C MET A 137 -24.75 22.43 -7.82
N HIS A 138 -23.56 23.01 -7.89
CA HIS A 138 -22.90 23.59 -6.75
C HIS A 138 -23.72 24.72 -6.16
N THR A 139 -24.30 25.56 -7.03
CA THR A 139 -25.04 26.74 -6.62
C THR A 139 -26.29 26.29 -5.87
N LEU A 140 -26.91 25.24 -6.42
CA LEU A 140 -28.10 24.65 -5.85
C LEU A 140 -27.84 24.21 -4.41
N LEU A 141 -26.76 23.47 -4.18
CA LEU A 141 -26.50 22.85 -2.88
C LEU A 141 -26.15 23.90 -1.83
N LEU A 142 -25.39 24.92 -2.23
CA LEU A 142 -25.10 26.08 -1.41
C LEU A 142 -26.41 26.69 -0.94
N ARG A 143 -27.33 26.91 -1.86
CA ARG A 143 -28.61 27.52 -1.53
C ARG A 143 -29.39 26.65 -0.56
N GLU A 144 -29.30 25.33 -0.77
CA GLU A 144 -30.05 24.40 0.08
C GLU A 144 -29.54 24.45 1.54
N HIS A 145 -28.22 24.56 1.70
CA HIS A 145 -27.59 24.74 2.98
C HIS A 145 -28.21 25.95 3.67
N ASN A 146 -28.19 27.10 3.00
CA ASN A 146 -28.64 28.33 3.63
C ASN A 146 -30.14 28.28 3.94
N ARG A 147 -30.91 27.54 3.15
CA ARG A 147 -32.33 27.32 3.40
C ARG A 147 -32.52 26.52 4.68
N LEU A 148 -31.75 25.45 4.82
CA LEU A 148 -31.85 24.55 5.96
C LEU A 148 -31.40 25.27 7.23
N ALA A 149 -30.29 26.01 7.13
CA ALA A 149 -29.80 26.78 8.26
C ALA A 149 -30.85 27.80 8.72
N THR A 150 -31.46 28.50 7.76
CA THR A 150 -32.47 29.51 8.05
C THR A 150 -33.58 28.86 8.84
N GLU A 151 -34.01 27.69 8.39
CA GLU A 151 -35.20 27.05 8.90
C GLU A 151 -34.91 26.46 10.29
N LEU A 152 -33.71 25.92 10.44
CA LEU A 152 -33.27 25.41 11.73
C LEU A 152 -33.15 26.54 12.76
N LYS A 153 -32.67 27.72 12.35
CA LYS A 153 -32.60 28.89 13.21
C LYS A 153 -34.01 29.26 13.64
N SER A 154 -34.90 29.40 12.67
CA SER A 154 -36.29 29.64 12.99
C SER A 154 -36.80 28.64 14.05
N LEU A 155 -36.46 27.35 13.90
CA LEU A 155 -36.99 26.30 14.74
C LEU A 155 -36.25 26.18 16.09
N ASN A 156 -34.93 26.47 16.11
CA ASN A 156 -34.10 26.37 17.30
C ASN A 156 -33.39 27.71 17.48
N PRO A 157 -34.07 28.75 18.00
CA PRO A 157 -33.49 30.08 18.08
C PRO A 157 -32.25 30.19 18.98
N ARG A 158 -32.08 29.27 19.94
CA ARG A 158 -30.95 29.43 20.84
C ARG A 158 -29.64 28.92 20.22
N TRP A 159 -29.73 28.17 19.13
CA TRP A 159 -28.56 27.59 18.49
C TRP A 159 -27.67 28.68 17.87
N ASP A 160 -26.35 28.55 18.08
CA ASP A 160 -25.35 29.44 17.54
C ASP A 160 -25.02 29.09 16.08
N GLY A 161 -24.14 29.90 15.47
CA GLY A 161 -23.70 29.70 14.10
C GLY A 161 -23.07 28.34 13.82
N GLU A 162 -22.20 27.88 14.72
CA GLU A 162 -21.48 26.62 14.52
C GLU A 162 -22.49 25.49 14.54
N ARG A 163 -23.51 25.59 15.38
CA ARG A 163 -24.43 24.51 15.53
C ARG A 163 -25.28 24.43 14.28
N LEU A 164 -25.72 25.59 13.82
CA LEU A 164 -26.57 25.69 12.64
C LEU A 164 -25.85 25.05 11.47
N TYR A 165 -24.66 25.60 11.15
CA TYR A 165 -23.81 25.15 10.07
C TYR A 165 -23.64 23.64 10.05
N GLN A 166 -23.30 23.08 11.21
CA GLN A 166 -23.01 21.66 11.31
C GLN A 166 -24.26 20.82 11.03
N GLU A 167 -25.42 21.24 11.56
CA GLU A 167 -26.61 20.44 11.40
C GLU A 167 -27.11 20.52 9.96
N ALA A 168 -27.03 21.71 9.35
CA ALA A 168 -27.36 21.85 7.94
C ALA A 168 -26.40 21.05 7.08
N ARG A 169 -25.11 21.10 7.37
CA ARG A 169 -24.13 20.34 6.60
C ARG A 169 -24.42 18.85 6.67
N LYS A 170 -24.80 18.39 7.87
CA LYS A 170 -25.03 16.99 8.13
C LYS A 170 -26.21 16.52 7.29
N ILE A 171 -27.18 17.42 7.10
CA ILE A 171 -28.36 17.12 6.31
C ILE A 171 -28.02 17.12 4.82
N VAL A 172 -27.28 18.13 4.34
CA VAL A 172 -26.90 18.18 2.93
C VAL A 172 -26.08 16.94 2.56
N GLY A 173 -25.21 16.49 3.47
CA GLY A 173 -24.43 15.30 3.26
C GLY A 173 -25.32 14.08 3.09
N ALA A 174 -26.36 13.97 3.91
CA ALA A 174 -27.26 12.83 3.86
C ALA A 174 -28.11 12.89 2.60
N MET A 175 -28.33 14.10 2.08
CA MET A 175 -29.13 14.30 0.87
C MET A 175 -28.37 13.82 -0.36
N VAL A 176 -27.06 14.08 -0.37
CA VAL A 176 -26.17 13.58 -1.40
C VAL A 176 -26.09 12.05 -1.32
N GLN A 177 -26.08 11.52 -0.10
CA GLN A 177 -25.97 10.09 0.14
C GLN A 177 -27.20 9.40 -0.44
N ILE A 178 -28.36 10.01 -0.21
CA ILE A 178 -29.61 9.36 -0.52
C ILE A 178 -29.84 9.40 -2.03
N ILE A 179 -29.62 10.57 -2.63
CA ILE A 179 -29.76 10.68 -4.06
C ILE A 179 -28.83 9.65 -4.68
N THR A 180 -27.59 9.58 -4.21
CA THR A 180 -26.57 8.78 -4.84
C THR A 180 -26.91 7.28 -4.78
N TYR A 181 -27.36 6.76 -3.64
CA TYR A 181 -27.46 5.32 -3.48
C TYR A 181 -28.89 4.82 -3.71
N ARG A 182 -29.88 5.73 -3.69
CA ARG A 182 -31.27 5.37 -3.88
C ARG A 182 -31.65 5.56 -5.35
N ASP A 183 -31.25 6.69 -5.95
CA ASP A 183 -31.72 7.11 -7.26
C ASP A 183 -30.64 6.94 -8.34
N TYR A 184 -29.37 7.23 -8.04
CA TYR A 184 -28.33 7.29 -9.04
C TYR A 184 -27.71 5.91 -9.35
N LEU A 185 -27.05 5.31 -8.37
CA LEU A 185 -26.20 4.17 -8.61
C LEU A 185 -27.00 3.04 -9.23
N PRO A 186 -28.26 2.80 -8.87
CA PRO A 186 -29.01 1.73 -9.49
C PRO A 186 -29.16 1.88 -11.00
N LEU A 187 -29.08 3.11 -11.50
CA LEU A 187 -29.21 3.35 -12.92
C LEU A 187 -27.85 3.38 -13.60
N VAL A 188 -26.77 3.28 -12.79
CA VAL A 188 -25.43 3.14 -13.31
C VAL A 188 -25.13 1.65 -13.45
N LEU A 189 -25.44 0.88 -12.43
CA LEU A 189 -24.98 -0.48 -12.34
C LEU A 189 -25.98 -1.42 -12.97
N GLY A 190 -27.25 -1.04 -12.91
CA GLY A 190 -28.32 -1.98 -13.17
C GLY A 190 -28.61 -2.85 -11.98
N PRO A 191 -29.83 -3.40 -11.92
CA PRO A 191 -30.28 -4.16 -10.78
C PRO A 191 -29.43 -5.37 -10.37
N THR A 192 -28.89 -6.12 -11.34
CA THR A 192 -28.15 -7.35 -11.06
C THR A 192 -26.91 -7.05 -10.23
N ALA A 193 -26.15 -6.05 -10.69
CA ALA A 193 -24.91 -5.59 -10.09
C ALA A 193 -25.20 -4.86 -8.78
N MET A 194 -26.29 -4.11 -8.73
CA MET A 194 -26.68 -3.41 -7.53
C MET A 194 -26.89 -4.39 -6.38
N ARG A 195 -27.57 -5.52 -6.64
CA ARG A 195 -27.90 -6.48 -5.60
C ARG A 195 -26.63 -7.24 -5.22
N LYS A 196 -25.70 -7.33 -6.17
CA LYS A 196 -24.45 -8.04 -5.95
C LYS A 196 -23.43 -7.17 -5.22
N TYR A 197 -23.30 -5.91 -5.59
CA TYR A 197 -22.25 -5.04 -5.05
C TYR A 197 -22.77 -4.19 -3.90
N LEU A 198 -24.09 -3.97 -3.83
CA LEU A 198 -24.66 -3.03 -2.87
C LEU A 198 -25.88 -3.65 -2.21
N PRO A 199 -25.70 -4.80 -1.52
CA PRO A 199 -26.79 -5.41 -0.79
C PRO A 199 -27.26 -4.48 0.31
N THR A 200 -28.46 -4.73 0.81
CA THR A 200 -29.08 -3.89 1.80
C THR A 200 -28.08 -3.60 2.92
N TYR A 201 -28.05 -2.31 3.30
CA TYR A 201 -27.20 -1.82 4.37
C TYR A 201 -27.56 -2.51 5.68
N ARG A 202 -26.54 -2.89 6.45
CA ARG A 202 -26.70 -3.50 7.76
C ARG A 202 -26.33 -2.50 8.85
N SER A 203 -25.03 -2.31 9.08
CA SER A 203 -24.54 -1.29 9.98
C SER A 203 -23.10 -0.91 9.61
N TYR A 204 -22.55 0.12 10.26
CA TYR A 204 -21.16 0.52 10.06
C TYR A 204 -20.22 -0.63 10.45
N ASN A 205 -19.12 -0.78 9.71
CA ASN A 205 -18.10 -1.76 9.98
C ASN A 205 -16.73 -1.05 10.01
N ASP A 206 -16.15 -0.90 11.22
CA ASP A 206 -14.92 -0.14 11.38
C ASP A 206 -13.74 -0.88 10.74
N SER A 207 -13.99 -2.01 10.08
CA SER A 207 -12.90 -2.77 9.50
C SER A 207 -12.95 -2.62 7.98
N VAL A 208 -13.90 -1.87 7.47
CA VAL A 208 -13.97 -1.66 6.04
C VAL A 208 -13.19 -0.38 5.70
N ASP A 209 -12.24 -0.52 4.77
CA ASP A 209 -11.39 0.57 4.30
C ASP A 209 -12.21 1.48 3.42
N PRO A 210 -12.41 2.75 3.81
CA PRO A 210 -13.18 3.67 2.99
C PRO A 210 -12.33 4.53 2.07
N ARG A 211 -11.07 4.16 1.81
CA ARG A 211 -10.27 4.95 0.89
C ARG A 211 -10.76 4.84 -0.57
N ILE A 212 -10.44 5.85 -1.38
CA ILE A 212 -10.63 5.74 -2.82
C ILE A 212 -9.47 4.94 -3.37
N ALA A 213 -9.75 3.97 -4.24
CA ALA A 213 -8.70 3.19 -4.85
C ALA A 213 -8.17 3.87 -6.11
N ASN A 214 -6.88 3.73 -6.42
CA ASN A 214 -6.30 4.48 -7.51
C ASN A 214 -7.15 4.24 -8.74
N VAL A 215 -7.49 2.96 -8.98
CA VAL A 215 -8.14 2.59 -10.24
C VAL A 215 -9.46 3.34 -10.42
N PHE A 216 -10.13 3.70 -9.32
CA PHE A 216 -11.45 4.31 -9.34
C PHE A 216 -11.37 5.72 -9.96
N THR A 217 -10.21 6.38 -9.87
CA THR A 217 -10.08 7.72 -10.38
C THR A 217 -10.13 7.69 -11.89
N ASN A 218 -9.86 6.54 -12.49
CA ASN A 218 -9.87 6.37 -13.92
C ASN A 218 -11.18 5.71 -14.34
N ALA A 219 -11.63 4.68 -13.62
CA ALA A 219 -12.79 3.91 -14.04
C ALA A 219 -14.10 4.70 -13.91
N PHE A 220 -14.15 5.67 -12.99
CA PHE A 220 -15.40 6.42 -12.82
C PHE A 220 -15.50 7.47 -13.92
N ARG A 221 -14.46 7.63 -14.75
CA ARG A 221 -14.55 8.55 -15.86
C ARG A 221 -15.38 7.92 -17.00
N TYR A 222 -16.04 6.79 -16.72
CA TYR A 222 -17.05 6.21 -17.59
C TYR A 222 -18.03 7.30 -18.05
N GLY A 223 -18.29 8.27 -17.17
CA GLY A 223 -19.31 9.27 -17.38
C GLY A 223 -18.98 10.21 -18.54
N HIS A 224 -17.72 10.19 -19.00
CA HIS A 224 -17.31 10.97 -20.15
C HIS A 224 -18.07 10.50 -21.38
N THR A 225 -18.55 9.23 -21.41
CA THR A 225 -19.33 8.69 -22.53
C THR A 225 -20.75 9.24 -22.55
N LEU A 226 -21.21 9.85 -21.46
CA LEU A 226 -22.58 10.33 -21.35
C LEU A 226 -22.67 11.79 -21.77
N ILE A 227 -21.53 12.43 -22.07
CA ILE A 227 -21.47 13.87 -22.25
C ILE A 227 -22.04 14.19 -23.63
N GLN A 228 -22.94 15.16 -23.62
CA GLN A 228 -23.61 15.68 -24.80
C GLN A 228 -22.78 16.87 -25.26
N PRO A 229 -22.73 17.18 -26.57
CA PRO A 229 -21.84 18.20 -27.09
C PRO A 229 -22.33 19.65 -27.02
N PHE A 230 -23.48 19.87 -26.39
CA PHE A 230 -24.03 21.20 -26.23
C PHE A 230 -24.45 21.41 -24.78
N MET A 231 -24.47 22.65 -24.32
CA MET A 231 -25.23 22.98 -23.15
C MET A 231 -26.60 23.56 -23.55
N PHE A 232 -27.66 22.97 -22.99
CA PHE A 232 -29.02 23.30 -23.37
C PHE A 232 -29.61 24.24 -22.34
N ARG A 233 -30.27 25.31 -22.81
CA ARG A 233 -30.94 26.21 -21.88
C ARG A 233 -32.39 26.38 -22.29
N LEU A 234 -33.30 26.33 -21.31
CA LEU A 234 -34.73 26.35 -21.56
C LEU A 234 -35.43 27.39 -20.70
N ASP A 235 -36.47 28.00 -21.29
CA ASP A 235 -37.23 29.06 -20.64
C ASP A 235 -38.29 28.45 -19.73
N ASN A 236 -39.15 29.33 -19.21
CA ASN A 236 -40.12 28.90 -18.22
C ASN A 236 -41.32 28.24 -18.92
N ARG A 237 -41.26 27.94 -20.24
CA ARG A 237 -42.21 27.01 -20.83
C ARG A 237 -41.49 25.75 -21.29
N TYR A 238 -40.27 25.57 -20.80
CA TYR A 238 -39.37 24.51 -21.21
C TYR A 238 -39.09 24.58 -22.71
N GLN A 239 -39.06 25.78 -23.26
CA GLN A 239 -38.81 26.00 -24.67
C GLN A 239 -37.42 26.59 -24.78
N PRO A 240 -36.70 26.40 -25.90
CA PRO A 240 -35.36 26.95 -26.08
C PRO A 240 -35.28 28.43 -25.71
N MET A 241 -34.19 28.81 -25.00
CA MET A 241 -33.94 30.18 -24.56
C MET A 241 -32.96 30.95 -25.48
N GLU A 242 -33.39 32.18 -25.81
CA GLU A 242 -32.78 32.93 -26.89
C GLU A 242 -31.90 34.04 -26.34
N PRO A 243 -30.81 34.41 -27.03
CA PRO A 243 -30.57 33.96 -28.40
C PRO A 243 -30.02 32.54 -28.52
N ASN A 244 -29.32 32.04 -27.47
CA ASN A 244 -28.47 30.86 -27.61
C ASN A 244 -28.98 29.72 -26.73
N PRO A 245 -29.83 28.82 -27.26
CA PRO A 245 -30.29 27.67 -26.51
C PRO A 245 -29.37 26.46 -26.49
N ARG A 246 -28.51 26.34 -27.51
CA ARG A 246 -27.62 25.20 -27.65
C ARG A 246 -26.22 25.72 -27.88
N VAL A 247 -25.45 25.80 -26.81
CA VAL A 247 -24.11 26.34 -26.92
C VAL A 247 -23.16 25.15 -27.07
N PRO A 248 -22.25 25.14 -28.03
CA PRO A 248 -21.23 24.10 -28.06
C PRO A 248 -20.37 24.09 -26.80
N LEU A 249 -20.08 22.90 -26.28
CA LEU A 249 -19.37 22.73 -25.01
C LEU A 249 -18.00 23.46 -25.05
N SER A 250 -17.31 23.43 -26.19
CA SER A 250 -16.01 24.06 -26.27
C SER A 250 -16.11 25.56 -26.06
N ARG A 251 -17.32 26.11 -25.96
CA ARG A 251 -17.52 27.49 -25.59
C ARG A 251 -18.19 27.66 -24.21
N VAL A 252 -18.21 26.61 -23.38
CA VAL A 252 -18.81 26.69 -22.05
C VAL A 252 -17.83 26.25 -20.95
N PHE A 253 -16.72 25.61 -21.29
CA PHE A 253 -15.73 25.26 -20.32
C PHE A 253 -15.19 26.54 -19.70
N PHE A 254 -15.28 26.58 -18.36
CA PHE A 254 -14.83 27.69 -17.53
C PHE A 254 -15.62 28.97 -17.73
N ALA A 255 -16.83 28.89 -18.27
CA ALA A 255 -17.51 30.09 -18.76
C ALA A 255 -18.47 30.59 -17.67
N SER A 256 -17.90 31.01 -16.52
CA SER A 256 -18.69 31.45 -15.38
C SER A 256 -19.57 32.63 -15.78
N TRP A 257 -19.10 33.43 -16.76
CA TRP A 257 -19.79 34.63 -17.21
C TRP A 257 -21.23 34.29 -17.65
N ARG A 258 -21.40 33.09 -18.22
CA ARG A 258 -22.67 32.61 -18.72
C ARG A 258 -23.72 32.42 -17.64
N VAL A 259 -23.28 32.07 -16.42
CA VAL A 259 -24.19 31.88 -15.30
C VAL A 259 -24.59 33.23 -14.73
N VAL A 260 -23.64 34.15 -14.67
CA VAL A 260 -23.86 35.46 -14.09
C VAL A 260 -24.71 36.34 -15.01
N LEU A 261 -24.44 36.32 -16.30
CA LEU A 261 -24.95 37.33 -17.22
C LEU A 261 -25.97 36.78 -18.20
N GLU A 262 -25.99 35.46 -18.44
CA GLU A 262 -26.92 34.87 -19.39
C GLU A 262 -28.01 34.09 -18.68
N GLY A 263 -28.46 34.58 -17.53
CA GLY A 263 -29.80 34.30 -17.05
C GLY A 263 -29.88 33.31 -15.89
N GLY A 264 -28.76 33.08 -15.17
CA GLY A 264 -28.82 32.32 -13.93
C GLY A 264 -28.83 30.83 -14.17
N ILE A 265 -29.27 30.06 -13.18
CA ILE A 265 -29.10 28.61 -13.20
C ILE A 265 -30.41 27.92 -13.56
N ASP A 266 -31.53 28.65 -13.50
CA ASP A 266 -32.81 28.03 -13.77
C ASP A 266 -32.81 27.45 -15.20
N PRO A 267 -32.40 28.17 -16.26
CA PRO A 267 -32.43 27.59 -17.60
C PRO A 267 -31.48 26.40 -17.77
N ILE A 268 -30.34 26.38 -17.07
CA ILE A 268 -29.38 25.30 -17.20
C ILE A 268 -29.93 24.01 -16.60
N LEU A 269 -30.61 24.14 -15.44
CA LEU A 269 -31.21 23.02 -14.78
C LEU A 269 -32.38 22.47 -15.61
N ARG A 270 -33.21 23.34 -16.15
CA ARG A 270 -34.30 22.91 -16.99
C ARG A 270 -33.69 22.07 -18.10
N GLY A 271 -32.57 22.54 -18.65
CA GLY A 271 -31.92 21.87 -19.76
C GLY A 271 -31.50 20.46 -19.36
N LEU A 272 -30.99 20.32 -18.14
CA LEU A 272 -30.48 19.05 -17.68
C LEU A 272 -31.59 18.03 -17.55
N MET A 273 -32.73 18.48 -17.06
CA MET A 273 -33.86 17.64 -16.73
C MET A 273 -34.60 17.21 -18.00
N ALA A 274 -34.58 18.03 -19.05
CA ALA A 274 -35.47 17.82 -20.19
C ALA A 274 -34.72 17.50 -21.48
N THR A 275 -33.45 17.09 -21.35
CA THR A 275 -32.57 16.74 -22.46
C THR A 275 -31.99 15.37 -22.15
N PRO A 276 -31.89 14.45 -23.13
CA PRO A 276 -31.30 13.15 -22.87
C PRO A 276 -29.80 13.22 -22.63
N ALA A 277 -29.28 12.19 -21.97
CA ALA A 277 -27.85 11.96 -21.98
C ALA A 277 -27.48 11.37 -23.33
N LYS A 278 -26.21 11.41 -23.65
CA LYS A 278 -25.69 10.58 -24.72
C LYS A 278 -25.72 9.13 -24.24
N LEU A 279 -26.07 8.23 -25.14
CA LEU A 279 -25.91 6.81 -24.87
C LEU A 279 -24.49 6.41 -25.30
N ASN A 280 -23.83 5.61 -24.45
CA ASN A 280 -22.60 4.96 -24.82
C ASN A 280 -22.93 3.82 -25.79
N ARG A 281 -22.26 3.86 -26.95
CA ARG A 281 -22.34 2.78 -27.91
C ARG A 281 -20.93 2.43 -28.36
N GLN A 282 -20.76 1.18 -28.83
CA GLN A 282 -19.43 0.68 -29.09
C GLN A 282 -18.74 1.43 -30.24
N ASN A 283 -19.54 2.07 -31.10
CA ASN A 283 -19.02 2.88 -32.19
C ASN A 283 -19.30 4.36 -31.95
N GLN A 284 -19.82 4.69 -30.78
CA GLN A 284 -20.04 6.08 -30.42
C GLN A 284 -19.64 6.30 -28.97
N ILE A 285 -18.33 6.28 -28.70
CA ILE A 285 -17.84 6.30 -27.33
C ILE A 285 -17.93 7.72 -26.73
N ALA A 286 -17.24 8.72 -27.32
CA ALA A 286 -17.20 10.09 -26.80
C ALA A 286 -17.23 11.09 -27.95
N VAL A 287 -17.66 12.32 -27.68
CA VAL A 287 -17.93 13.29 -28.72
C VAL A 287 -16.74 14.21 -28.95
N ASP A 288 -16.75 14.96 -30.07
CA ASP A 288 -15.59 15.72 -30.54
C ASP A 288 -15.40 16.97 -29.69
N GLU A 289 -16.47 17.44 -29.05
CA GLU A 289 -16.36 18.60 -28.17
C GLU A 289 -15.41 18.30 -26.98
N ILE A 290 -15.27 17.02 -26.56
CA ILE A 290 -14.30 16.67 -25.53
C ILE A 290 -13.09 15.91 -26.09
N ARG A 291 -13.21 15.33 -27.29
CA ARG A 291 -12.11 14.60 -27.90
C ARG A 291 -11.23 15.50 -28.79
N GLU A 292 -11.66 16.73 -29.10
CA GLU A 292 -10.94 17.55 -30.06
C GLU A 292 -10.89 19.02 -29.65
N ARG A 293 -11.79 19.43 -28.75
CA ARG A 293 -11.89 20.83 -28.40
C ARG A 293 -11.97 21.06 -26.88
N LEU A 294 -11.41 20.15 -26.04
CA LEU A 294 -11.49 20.30 -24.59
C LEU A 294 -10.62 21.46 -24.14
N PHE A 295 -11.25 22.50 -23.62
CA PHE A 295 -10.65 23.69 -23.06
C PHE A 295 -9.96 24.50 -24.12
N GLU A 296 -10.47 24.53 -25.33
CA GLU A 296 -9.71 25.15 -26.39
C GLU A 296 -9.72 26.67 -26.21
N GLN A 297 -10.66 27.19 -25.42
CA GLN A 297 -10.74 28.64 -25.29
C GLN A 297 -9.72 29.17 -24.28
N VAL A 298 -9.08 28.30 -23.48
CA VAL A 298 -8.30 28.80 -22.33
C VAL A 298 -6.88 28.25 -22.28
N MET A 299 -6.47 27.53 -23.32
CA MET A 299 -5.12 27.01 -23.50
C MET A 299 -4.74 27.13 -24.97
N ARG A 300 -3.58 26.64 -25.35
CA ARG A 300 -2.98 26.82 -26.65
C ARG A 300 -3.51 25.78 -27.63
N ILE A 301 -3.95 24.63 -27.11
CA ILE A 301 -4.42 23.58 -27.97
C ILE A 301 -5.67 22.99 -27.33
N GLY A 302 -6.56 22.41 -28.14
CA GLY A 302 -7.66 21.65 -27.57
C GLY A 302 -7.18 20.28 -27.11
N LEU A 303 -7.74 19.77 -26.01
CA LEU A 303 -7.28 18.52 -25.47
C LEU A 303 -8.20 17.39 -25.91
N ASP A 304 -7.79 16.14 -25.63
CA ASP A 304 -8.56 14.94 -25.93
C ASP A 304 -8.82 14.18 -24.65
N LEU A 305 -10.02 14.35 -24.08
CA LEU A 305 -10.27 13.84 -22.73
C LEU A 305 -10.09 12.32 -22.70
N PRO A 306 -10.66 11.54 -23.64
CA PRO A 306 -10.40 10.10 -23.71
C PRO A 306 -8.91 9.73 -23.67
N ALA A 307 -8.11 10.45 -24.48
CA ALA A 307 -6.69 10.18 -24.56
C ALA A 307 -6.02 10.54 -23.24
N LEU A 308 -6.45 11.64 -22.63
CA LEU A 308 -5.97 12.03 -21.32
C LEU A 308 -6.22 10.92 -20.32
N ASN A 309 -7.42 10.36 -20.37
CA ASN A 309 -7.85 9.30 -19.46
C ASN A 309 -6.87 8.15 -19.56
N MET A 310 -6.42 7.83 -20.77
CA MET A 310 -5.60 6.66 -20.99
C MET A 310 -4.15 6.97 -20.65
N GLN A 311 -3.67 8.18 -20.95
CA GLN A 311 -2.36 8.57 -20.51
C GLN A 311 -2.27 8.54 -18.96
N ARG A 312 -3.32 9.04 -18.29
CA ARG A 312 -3.38 9.11 -16.86
C ARG A 312 -3.28 7.73 -16.24
N SER A 313 -3.98 6.77 -16.78
CA SER A 313 -3.97 5.44 -16.21
C SER A 313 -2.55 4.90 -16.27
N ARG A 314 -1.78 5.29 -17.28
CA ARG A 314 -0.41 4.84 -17.44
C ARG A 314 0.49 5.54 -16.46
N ASP A 315 0.22 6.83 -16.28
CA ASP A 315 0.88 7.68 -15.30
C ASP A 315 0.74 7.10 -13.91
N HIS A 316 -0.46 6.54 -13.63
CA HIS A 316 -0.84 6.01 -12.33
C HIS A 316 -0.52 4.53 -12.22
N GLY A 317 0.10 3.95 -13.23
CA GLY A 317 0.66 2.63 -13.09
C GLY A 317 -0.41 1.55 -13.05
N LEU A 318 -1.58 1.84 -13.61
CA LEU A 318 -2.68 0.92 -13.53
C LEU A 318 -2.42 -0.31 -14.39
N PRO A 319 -2.71 -1.53 -13.89
CA PRO A 319 -2.85 -2.71 -14.73
C PRO A 319 -3.84 -2.50 -15.85
N GLY A 320 -3.71 -3.33 -16.90
CA GLY A 320 -4.59 -3.32 -18.05
C GLY A 320 -5.84 -4.18 -17.81
N TYR A 321 -6.65 -4.28 -18.86
CA TYR A 321 -8.03 -4.77 -18.77
C TYR A 321 -8.13 -6.15 -18.14
N ASN A 322 -7.31 -7.08 -18.62
CA ASN A 322 -7.47 -8.48 -18.25
C ASN A 322 -7.08 -8.69 -16.80
N ALA A 323 -6.14 -7.87 -16.30
CA ALA A 323 -5.80 -7.95 -14.89
C ALA A 323 -7.01 -7.54 -14.05
N TRP A 324 -7.80 -6.59 -14.54
CA TRP A 324 -8.95 -6.09 -13.78
C TRP A 324 -10.13 -7.05 -13.84
N ARG A 325 -10.22 -7.80 -14.93
CA ARG A 325 -11.24 -8.82 -15.06
C ARG A 325 -10.93 -9.97 -14.11
N ARG A 326 -9.63 -10.37 -14.02
CA ARG A 326 -9.20 -11.42 -13.10
C ARG A 326 -9.54 -11.03 -11.68
N PHE A 327 -9.27 -9.75 -11.35
CA PHE A 327 -9.54 -9.19 -10.04
C PHE A 327 -11.02 -9.29 -9.72
N CYS A 328 -11.89 -9.03 -10.72
CA CYS A 328 -13.31 -9.06 -10.49
C CYS A 328 -13.94 -10.43 -10.70
N GLY A 329 -13.14 -11.45 -10.96
CA GLY A 329 -13.67 -12.80 -11.12
C GLY A 329 -14.30 -13.02 -12.50
N LEU A 330 -13.86 -12.26 -13.49
CA LEU A 330 -14.38 -12.37 -14.85
C LEU A 330 -13.38 -13.09 -15.79
N PRO A 331 -13.85 -13.86 -16.78
CA PRO A 331 -12.98 -14.43 -17.79
C PRO A 331 -12.05 -13.44 -18.48
N GLN A 332 -10.84 -13.87 -18.81
CA GLN A 332 -9.85 -13.01 -19.43
C GLN A 332 -9.55 -13.47 -20.84
N PRO A 333 -10.12 -12.79 -21.87
CA PRO A 333 -9.91 -13.22 -23.23
C PRO A 333 -8.46 -13.03 -23.68
N GLU A 334 -7.92 -14.04 -24.36
CA GLU A 334 -6.57 -14.02 -24.87
C GLU A 334 -6.62 -13.57 -26.33
N THR A 335 -7.55 -14.18 -27.10
CA THR A 335 -7.54 -14.11 -28.56
C THR A 335 -8.57 -13.09 -29.00
N VAL A 336 -8.47 -12.68 -30.27
CA VAL A 336 -9.34 -11.64 -30.78
C VAL A 336 -10.79 -12.15 -30.80
N GLY A 337 -10.95 -13.45 -31.13
CA GLY A 337 -12.25 -14.10 -31.12
C GLY A 337 -12.90 -14.10 -29.73
N GLN A 338 -12.09 -14.35 -28.69
CA GLN A 338 -12.59 -14.42 -27.33
C GLN A 338 -12.96 -13.02 -26.87
N LEU A 339 -12.18 -12.00 -27.24
CA LEU A 339 -12.52 -10.61 -26.91
C LEU A 339 -13.83 -10.21 -27.62
N GLY A 340 -14.07 -10.79 -28.81
CA GLY A 340 -15.30 -10.55 -29.53
C GLY A 340 -16.50 -11.11 -28.78
N THR A 341 -16.32 -12.29 -28.20
CA THR A 341 -17.39 -12.90 -27.42
C THR A 341 -17.70 -12.04 -26.17
N VAL A 342 -16.64 -11.52 -25.53
CA VAL A 342 -16.81 -10.81 -24.27
C VAL A 342 -17.42 -9.45 -24.56
N LEU A 343 -17.13 -8.89 -25.74
CA LEU A 343 -17.64 -7.58 -26.09
C LEU A 343 -18.91 -7.68 -26.93
N ARG A 344 -19.29 -8.89 -27.32
CA ARG A 344 -20.41 -9.07 -28.22
C ARG A 344 -20.23 -8.20 -29.47
N ASN A 345 -19.00 -8.12 -29.97
CA ASN A 345 -18.64 -7.22 -31.05
C ASN A 345 -17.27 -7.62 -31.60
N LEU A 346 -17.27 -8.28 -32.76
CA LEU A 346 -16.01 -8.77 -33.31
C LEU A 346 -15.23 -7.63 -33.95
N LYS A 347 -15.95 -6.66 -34.52
CA LYS A 347 -15.32 -5.52 -35.15
C LYS A 347 -14.54 -4.66 -34.14
N LEU A 348 -15.16 -4.34 -33.02
CA LEU A 348 -14.46 -3.61 -32.00
C LEU A 348 -13.31 -4.40 -31.40
N ALA A 349 -13.49 -5.72 -31.30
CA ALA A 349 -12.43 -6.55 -30.76
C ALA A 349 -11.19 -6.42 -31.66
N ARG A 350 -11.41 -6.46 -32.98
CA ARG A 350 -10.36 -6.34 -33.97
C ARG A 350 -9.66 -4.99 -33.81
N LYS A 351 -10.45 -3.95 -33.56
CA LYS A 351 -9.93 -2.60 -33.52
C LYS A 351 -9.01 -2.43 -32.31
N LEU A 352 -9.44 -3.04 -31.19
CA LEU A 352 -8.67 -2.98 -29.95
C LEU A 352 -7.40 -3.82 -30.05
N MET A 353 -7.46 -4.90 -30.83
CA MET A 353 -6.31 -5.77 -30.98
C MET A 353 -5.29 -5.15 -31.92
N GLU A 354 -5.78 -4.32 -32.85
CA GLU A 354 -4.94 -3.66 -33.82
C GLU A 354 -4.05 -2.63 -33.13
N GLN A 355 -4.60 -2.01 -32.06
CA GLN A 355 -3.91 -0.98 -31.30
C GLN A 355 -3.01 -1.56 -30.19
N TYR A 356 -3.53 -2.60 -29.52
CA TYR A 356 -2.95 -2.96 -28.25
C TYR A 356 -2.13 -4.26 -28.34
N GLY A 357 -2.43 -5.14 -29.32
CA GLY A 357 -1.69 -6.38 -29.50
C GLY A 357 -2.23 -7.56 -28.69
N THR A 358 -2.64 -7.29 -27.44
CA THR A 358 -3.23 -8.24 -26.54
C THR A 358 -4.30 -7.52 -25.71
N PRO A 359 -5.38 -8.22 -25.31
CA PRO A 359 -6.34 -7.65 -24.38
C PRO A 359 -5.70 -7.32 -23.03
N ASN A 360 -4.47 -7.82 -22.77
CA ASN A 360 -3.83 -7.57 -21.49
C ASN A 360 -3.34 -6.13 -21.37
N ASN A 361 -3.17 -5.42 -22.48
CA ASN A 361 -2.62 -4.10 -22.44
C ASN A 361 -3.69 -3.04 -22.65
N ILE A 362 -4.95 -3.43 -22.78
CA ILE A 362 -5.98 -2.45 -23.02
C ILE A 362 -6.06 -1.58 -21.78
N ASP A 363 -6.04 -0.26 -21.93
CA ASP A 363 -6.14 0.64 -20.80
C ASP A 363 -7.51 0.48 -20.12
N ILE A 364 -7.60 0.63 -18.80
CA ILE A 364 -8.81 0.24 -18.09
C ILE A 364 -10.00 1.06 -18.57
N TRP A 365 -9.87 2.37 -18.70
CA TRP A 365 -11.01 3.18 -19.16
C TRP A 365 -11.52 2.69 -20.51
N MET A 366 -10.60 2.41 -21.46
CA MET A 366 -10.95 1.97 -22.80
C MET A 366 -11.64 0.61 -22.77
N GLY A 367 -11.07 -0.37 -22.11
CA GLY A 367 -11.69 -1.67 -21.93
C GLY A 367 -13.03 -1.59 -21.20
N GLY A 368 -13.05 -0.81 -20.11
CA GLY A 368 -14.26 -0.63 -19.32
C GLY A 368 -15.43 -0.10 -20.15
N VAL A 369 -15.19 0.93 -20.96
CA VAL A 369 -16.28 1.58 -21.67
C VAL A 369 -16.61 0.83 -22.96
N SER A 370 -15.77 -0.12 -23.34
CA SER A 370 -16.03 -0.93 -24.54
C SER A 370 -17.03 -2.05 -24.26
N GLU A 371 -17.25 -2.39 -22.99
CA GLU A 371 -18.02 -3.58 -22.63
C GLU A 371 -19.50 -3.31 -22.86
N PRO A 372 -20.25 -4.26 -23.40
CA PRO A 372 -21.69 -4.11 -23.51
C PRO A 372 -22.31 -3.85 -22.14
N LEU A 373 -23.28 -2.94 -22.10
CA LEU A 373 -23.88 -2.47 -20.87
C LEU A 373 -24.78 -3.54 -20.26
N LYS A 374 -24.81 -3.59 -18.94
CA LYS A 374 -25.68 -4.46 -18.18
C LYS A 374 -27.11 -3.98 -18.40
N ARG A 375 -28.07 -4.91 -18.30
CA ARG A 375 -29.47 -4.57 -18.48
CA ARG A 375 -29.46 -4.55 -18.50
C ARG A 375 -29.85 -3.47 -17.47
N LYS A 376 -30.39 -2.39 -18.01
CA LYS A 376 -30.93 -1.30 -17.22
C LYS A 376 -29.81 -0.63 -16.44
N GLY A 377 -28.56 -0.84 -16.85
CA GLY A 377 -27.44 0.01 -16.44
C GLY A 377 -26.70 0.64 -17.62
N ARG A 378 -25.64 1.39 -17.32
CA ARG A 378 -24.91 2.08 -18.36
C ARG A 378 -23.39 1.87 -18.20
N VAL A 379 -23.04 0.79 -17.46
CA VAL A 379 -21.71 0.25 -17.51
C VAL A 379 -21.83 -1.25 -17.71
N GLY A 380 -20.72 -1.88 -18.05
CA GLY A 380 -20.69 -3.29 -18.30
C GLY A 380 -20.13 -3.98 -17.08
N PRO A 381 -19.94 -5.30 -17.10
CA PRO A 381 -19.63 -6.03 -15.88
C PRO A 381 -18.33 -5.62 -15.16
N LEU A 382 -17.26 -5.27 -15.87
CA LEU A 382 -16.01 -4.86 -15.25
C LEU A 382 -16.16 -3.52 -14.53
N LEU A 383 -16.67 -2.49 -15.19
CA LEU A 383 -16.85 -1.19 -14.55
C LEU A 383 -17.87 -1.30 -13.41
N ALA A 384 -18.87 -2.16 -13.56
CA ALA A 384 -19.84 -2.29 -12.50
C ALA A 384 -19.18 -2.92 -11.28
N CYS A 385 -18.21 -3.80 -11.49
CA CYS A 385 -17.49 -4.41 -10.38
C CYS A 385 -16.65 -3.38 -9.64
N ILE A 386 -15.86 -2.60 -10.36
CA ILE A 386 -15.01 -1.60 -9.76
C ILE A 386 -15.85 -0.57 -9.02
N ILE A 387 -16.87 -0.02 -9.68
CA ILE A 387 -17.63 1.11 -9.17
C ILE A 387 -18.50 0.64 -8.01
N GLY A 388 -19.08 -0.54 -8.16
CA GLY A 388 -19.90 -1.09 -7.10
C GLY A 388 -19.09 -1.35 -5.87
N THR A 389 -17.94 -2.01 -6.06
CA THR A 389 -17.02 -2.31 -4.97
C THR A 389 -16.64 -1.01 -4.24
N GLN A 390 -16.38 0.07 -4.97
CA GLN A 390 -15.93 1.27 -4.30
C GLN A 390 -17.02 1.85 -3.42
N PHE A 391 -18.22 2.02 -3.99
CA PHE A 391 -19.30 2.69 -3.30
C PHE A 391 -19.82 1.84 -2.14
N ARG A 392 -19.54 0.52 -2.11
CA ARG A 392 -19.87 -0.32 -0.96
C ARG A 392 -19.00 0.06 0.25
N LYS A 393 -17.72 0.28 -0.01
CA LYS A 393 -16.77 0.64 1.02
C LYS A 393 -17.09 2.03 1.56
N LEU A 394 -17.53 2.92 0.67
CA LEU A 394 -17.79 4.30 1.07
C LEU A 394 -19.00 4.38 1.99
N ARG A 395 -19.84 3.34 1.92
CA ARG A 395 -21.05 3.27 2.72
C ARG A 395 -20.76 2.50 4.01
N ASP A 396 -20.23 1.27 3.90
CA ASP A 396 -20.06 0.40 5.04
C ASP A 396 -18.91 0.90 5.91
N GLY A 397 -17.95 1.57 5.30
CA GLY A 397 -16.80 2.07 6.06
C GLY A 397 -16.95 3.52 6.55
N ASP A 398 -18.15 4.10 6.50
CA ASP A 398 -18.37 5.49 6.86
C ASP A 398 -19.16 5.51 8.15
N ARG A 399 -18.54 6.11 9.19
CA ARG A 399 -19.08 6.14 10.52
C ARG A 399 -20.32 7.03 10.57
N PHE A 400 -20.36 8.01 9.69
CA PHE A 400 -21.44 8.99 9.69
C PHE A 400 -22.39 8.76 8.51
N TRP A 401 -22.39 7.54 7.91
CA TRP A 401 -23.44 7.11 7.01
C TRP A 401 -24.80 7.38 7.63
N TRP A 402 -25.69 7.92 6.84
CA TRP A 402 -26.91 8.52 7.36
C TRP A 402 -27.81 7.48 8.04
N GLU A 403 -27.69 6.20 7.64
CA GLU A 403 -28.54 5.14 8.15
C GLU A 403 -27.89 4.46 9.36
N ASN A 404 -26.70 4.91 9.78
CA ASN A 404 -26.04 4.21 10.85
C ASN A 404 -26.66 4.63 12.17
N GLU A 405 -26.91 3.66 13.07
CA GLU A 405 -27.47 3.97 14.37
C GLU A 405 -26.66 5.03 15.09
N GLY A 406 -27.35 6.11 15.51
CA GLY A 406 -26.77 7.18 16.28
C GLY A 406 -26.39 8.40 15.45
N VAL A 407 -26.63 8.39 14.15
CA VAL A 407 -26.32 9.54 13.34
C VAL A 407 -27.57 10.42 13.28
N PHE A 408 -28.73 9.80 13.02
CA PHE A 408 -29.99 10.49 13.04
C PHE A 408 -30.92 9.70 13.95
N SER A 409 -31.99 10.35 14.43
CA SER A 409 -33.03 9.63 15.15
C SER A 409 -33.88 8.87 14.13
N MET A 410 -34.68 7.94 14.62
CA MET A 410 -35.58 7.22 13.74
C MET A 410 -36.52 8.22 13.06
N GLN A 411 -36.99 9.22 13.82
CA GLN A 411 -37.89 10.21 13.27
C GLN A 411 -37.16 10.98 12.17
N GLN A 412 -35.93 11.40 12.44
CA GLN A 412 -35.13 12.15 11.46
C GLN A 412 -34.88 11.31 10.21
N ARG A 413 -34.66 10.00 10.38
CA ARG A 413 -34.51 9.09 9.25
C ARG A 413 -35.76 9.07 8.38
N GLN A 414 -36.95 8.96 8.98
CA GLN A 414 -38.21 8.90 8.24
C GLN A 414 -38.37 10.19 7.43
N ALA A 415 -37.91 11.32 7.99
CA ALA A 415 -38.04 12.61 7.35
C ALA A 415 -37.13 12.68 6.13
N LEU A 416 -35.91 12.17 6.28
CA LEU A 416 -34.92 12.25 5.23
C LEU A 416 -35.29 11.34 4.06
N ALA A 417 -36.05 10.29 4.33
CA ALA A 417 -36.43 9.36 3.29
C ALA A 417 -37.32 10.05 2.26
N GLN A 418 -37.86 11.23 2.58
CA GLN A 418 -38.75 11.93 1.67
C GLN A 418 -37.98 12.79 0.68
N ILE A 419 -36.70 13.03 0.91
CA ILE A 419 -36.00 14.03 0.13
C ILE A 419 -35.91 13.49 -1.30
N SER A 420 -35.80 14.44 -2.24
CA SER A 420 -35.60 14.13 -3.64
C SER A 420 -34.95 15.33 -4.31
N LEU A 421 -34.13 15.07 -5.35
CA LEU A 421 -33.42 16.13 -6.02
C LEU A 421 -34.41 17.11 -6.67
N PRO A 422 -35.50 16.65 -7.30
CA PRO A 422 -36.50 17.57 -7.83
C PRO A 422 -37.03 18.57 -6.80
N ARG A 423 -37.31 18.11 -5.59
CA ARG A 423 -37.80 19.00 -4.56
C ARG A 423 -36.77 20.09 -4.23
N ILE A 424 -35.50 19.70 -4.19
CA ILE A 424 -34.43 20.62 -3.87
C ILE A 424 -34.41 21.75 -4.89
N ILE A 425 -34.67 21.43 -6.16
CA ILE A 425 -34.68 22.43 -7.21
C ILE A 425 -35.88 23.35 -7.01
N CYS A 426 -37.04 22.76 -6.77
CA CYS A 426 -38.22 23.54 -6.42
C CYS A 426 -37.94 24.54 -5.30
N ASP A 427 -37.22 24.09 -4.25
CA ASP A 427 -37.03 24.88 -3.04
C ASP A 427 -35.96 25.97 -3.18
N ASN A 428 -35.15 25.95 -4.27
CA ASN A 428 -33.99 26.81 -4.32
C ASN A 428 -33.90 27.60 -5.61
N THR A 429 -34.91 27.50 -6.49
CA THR A 429 -34.90 28.16 -7.79
C THR A 429 -36.28 28.78 -8.10
N GLY A 430 -36.39 29.44 -9.26
CA GLY A 430 -37.65 29.97 -9.77
C GLY A 430 -38.42 28.94 -10.61
N ILE A 431 -37.97 27.68 -10.61
CA ILE A 431 -38.58 26.61 -11.38
C ILE A 431 -39.74 26.01 -10.58
N THR A 432 -40.93 25.92 -11.16
CA THR A 432 -42.12 25.38 -10.51
C THR A 432 -42.57 24.04 -11.10
N THR A 433 -42.01 23.64 -12.26
CA THR A 433 -42.27 22.34 -12.86
C THR A 433 -40.95 21.59 -13.02
N VAL A 434 -40.89 20.35 -12.52
CA VAL A 434 -39.64 19.58 -12.44
C VAL A 434 -39.89 18.12 -12.90
N SER A 435 -38.81 17.33 -13.03
CA SER A 435 -38.90 15.94 -13.43
C SER A 435 -39.65 15.13 -12.39
N LYS A 436 -40.24 14.02 -12.84
CA LYS A 436 -40.93 13.13 -11.93
C LYS A 436 -40.05 11.90 -11.62
N ASN A 437 -40.62 10.87 -10.99
CA ASN A 437 -40.07 9.54 -10.81
C ASN A 437 -38.62 9.70 -10.44
N ASN A 438 -37.75 8.98 -11.16
CA ASN A 438 -36.33 9.16 -10.94
C ASN A 438 -35.95 10.31 -11.85
N ILE A 439 -35.43 11.38 -11.26
CA ILE A 439 -34.97 12.50 -12.06
C ILE A 439 -33.97 12.03 -13.12
N PHE A 440 -33.31 10.91 -12.85
CA PHE A 440 -32.20 10.47 -13.69
C PHE A 440 -32.67 9.72 -14.93
N MET A 441 -33.96 9.38 -14.97
CA MET A 441 -34.55 8.63 -16.07
C MET A 441 -35.52 9.58 -16.76
N SER A 442 -36.38 10.28 -15.98
CA SER A 442 -37.27 11.28 -16.56
C SER A 442 -36.46 12.25 -17.43
N ASN A 443 -36.87 12.46 -18.71
CA ASN A 443 -36.12 13.36 -19.56
C ASN A 443 -36.92 14.08 -20.65
N SER A 444 -38.20 13.76 -20.87
CA SER A 444 -38.96 14.41 -21.94
C SER A 444 -40.07 15.29 -21.36
N TYR A 445 -40.04 16.58 -21.74
CA TYR A 445 -41.10 17.52 -21.39
C TYR A 445 -42.19 17.52 -22.44
N PRO A 446 -43.48 17.50 -22.05
CA PRO A 446 -43.91 17.50 -20.66
C PRO A 446 -44.25 16.12 -20.08
N ARG A 447 -44.17 15.08 -20.90
CA ARG A 447 -44.55 13.74 -20.51
C ARG A 447 -44.06 13.38 -19.10
N ASP A 448 -42.81 13.71 -18.77
CA ASP A 448 -42.17 13.25 -17.56
C ASP A 448 -42.09 14.34 -16.47
N PHE A 449 -42.98 15.34 -16.50
CA PHE A 449 -42.83 16.50 -15.64
C PHE A 449 -44.06 16.68 -14.75
N VAL A 450 -43.83 17.19 -13.52
CA VAL A 450 -44.88 17.52 -12.58
C VAL A 450 -44.67 18.90 -11.99
N ASN A 451 -45.75 19.46 -11.46
CA ASN A 451 -45.75 20.67 -10.65
C ASN A 451 -45.13 20.35 -9.29
N CYS A 452 -44.37 21.34 -8.78
CA CYS A 452 -43.67 21.29 -7.52
C CYS A 452 -44.64 21.09 -6.35
N SER A 453 -45.82 21.69 -6.45
CA SER A 453 -46.79 21.60 -5.39
C SER A 453 -47.13 20.15 -5.06
N THR A 454 -47.01 19.24 -6.03
CA THR A 454 -47.35 17.82 -5.81
C THR A 454 -46.33 17.13 -4.91
N LEU A 455 -45.17 17.78 -4.76
CA LEU A 455 -44.03 17.18 -4.08
C LEU A 455 -43.94 17.62 -2.62
N PRO A 456 -43.79 16.66 -1.68
CA PRO A 456 -43.71 16.99 -0.26
C PRO A 456 -42.31 17.48 0.13
N ALA A 457 -42.24 18.51 0.99
CA ALA A 457 -40.98 19.11 1.41
C ALA A 457 -40.32 18.26 2.51
N LEU A 458 -39.09 18.61 2.88
CA LEU A 458 -38.41 18.01 4.01
C LEU A 458 -38.93 18.65 5.28
N ASN A 459 -39.51 17.82 6.15
CA ASN A 459 -40.04 18.21 7.44
C ASN A 459 -38.94 18.18 8.50
N LEU A 460 -38.61 19.34 9.07
CA LEU A 460 -37.53 19.42 10.04
C LEU A 460 -38.06 19.39 11.47
N ALA A 461 -39.25 18.82 11.71
CA ALA A 461 -39.86 18.89 13.03
C ALA A 461 -39.06 18.12 14.08
N SER A 462 -38.39 17.03 13.66
CA SER A 462 -37.64 16.17 14.56
C SER A 462 -36.25 16.72 14.86
N TRP A 463 -35.93 17.90 14.31
CA TRP A 463 -34.71 18.62 14.65
C TRP A 463 -34.95 19.64 15.76
N ARG A 464 -36.20 19.79 16.21
CA ARG A 464 -36.55 20.66 17.31
C ARG A 464 -35.92 20.12 18.57
N GLU A 465 -35.20 20.99 19.28
CA GLU A 465 -34.47 20.64 20.48
C GLU A 465 -35.04 21.52 21.59
N ALA A 466 -35.87 20.91 22.45
CA ALA A 466 -36.46 21.62 23.58
C ALA A 466 -35.36 22.03 24.57
N VAL B 1 19.83 9.96 21.64
CA VAL B 1 19.98 9.97 20.16
C VAL B 1 20.84 8.77 19.77
N ASN B 2 21.84 8.40 20.59
CA ASN B 2 22.39 7.06 20.48
C ASN B 2 21.51 6.08 21.28
N CYS B 3 20.76 5.28 20.53
CA CYS B 3 19.75 4.41 21.11
C CYS B 3 20.38 3.36 22.03
N GLU B 4 21.68 3.09 21.86
CA GLU B 4 22.40 2.08 22.62
C GLU B 4 22.73 2.51 24.06
N THR B 5 22.95 3.81 24.28
CA THR B 5 23.49 4.33 25.53
C THR B 5 22.53 5.32 26.19
N SER B 6 21.62 5.92 25.42
CA SER B 6 20.67 6.84 25.99
C SER B 6 19.30 6.15 26.15
N CYS B 7 18.49 6.70 27.07
CA CYS B 7 17.14 6.22 27.26
C CYS B 7 16.15 7.29 26.80
N VAL B 8 16.71 8.38 26.26
CA VAL B 8 15.91 9.46 25.69
C VAL B 8 15.09 8.97 24.50
N GLN B 9 13.85 9.46 24.45
CA GLN B 9 12.91 9.03 23.44
C GLN B 9 12.82 10.15 22.41
N GLN B 10 13.68 10.03 21.40
CA GLN B 10 13.75 10.97 20.32
C GLN B 10 14.27 10.24 19.08
N PRO B 11 13.75 10.54 17.88
CA PRO B 11 14.02 9.72 16.72
C PRO B 11 15.52 9.48 16.54
N PRO B 12 16.00 8.27 16.19
CA PRO B 12 15.16 7.12 15.82
C PRO B 12 14.95 6.11 16.93
N CYS B 13 14.96 6.58 18.19
CA CYS B 13 14.98 5.68 19.35
C CYS B 13 13.57 5.50 19.92
N PHE B 14 13.19 4.25 20.19
CA PHE B 14 11.91 3.98 20.82
C PHE B 14 12.13 3.03 22.01
N PRO B 15 12.88 3.47 23.05
CA PRO B 15 13.32 2.58 24.12
C PRO B 15 12.14 2.05 24.92
N LEU B 16 12.30 0.83 25.40
CA LEU B 16 11.33 0.22 26.28
C LEU B 16 11.50 0.77 27.71
N LYS B 17 10.41 1.37 28.22
CA LYS B 17 10.35 1.84 29.58
C LYS B 17 10.26 0.64 30.53
N ILE B 18 10.71 0.84 31.78
CA ILE B 18 10.80 -0.24 32.76
C ILE B 18 9.65 -0.12 33.74
N PRO B 19 8.85 -1.17 33.99
CA PRO B 19 7.77 -1.06 34.95
C PRO B 19 8.29 -1.06 36.39
N PRO B 20 7.47 -0.65 37.38
CA PRO B 20 7.82 -0.90 38.77
C PRO B 20 7.84 -2.39 39.06
N ASN B 21 8.77 -2.81 39.90
CA ASN B 21 8.82 -4.19 40.37
C ASN B 21 9.23 -5.13 39.23
N ASP B 22 10.09 -4.63 38.36
CA ASP B 22 10.75 -5.48 37.40
C ASP B 22 11.65 -6.47 38.17
N PRO B 23 11.61 -7.77 37.82
CA PRO B 23 12.47 -8.75 38.46
C PRO B 23 13.98 -8.52 38.24
N ARG B 24 14.38 -7.80 37.18
CA ARG B 24 15.79 -7.70 36.80
C ARG B 24 16.30 -6.26 36.84
N ILE B 25 15.51 -5.33 36.31
CA ILE B 25 15.93 -3.95 36.16
C ILE B 25 15.23 -3.10 37.20
N LYS B 26 15.97 -2.76 38.28
CA LYS B 26 15.38 -2.15 39.46
C LYS B 26 15.09 -0.66 39.21
N ASN B 27 15.89 -0.08 38.30
CA ASN B 27 15.96 1.36 38.06
C ASN B 27 14.96 1.80 36.97
N GLN B 28 13.91 2.55 37.33
CA GLN B 28 12.87 2.93 36.37
C GLN B 28 13.39 3.94 35.34
N ALA B 29 14.52 4.59 35.59
CA ALA B 29 15.08 5.54 34.65
C ALA B 29 15.98 4.82 33.63
N ASP B 30 16.08 3.50 33.74
CA ASP B 30 16.76 2.70 32.72
C ASP B 30 15.76 2.39 31.60
N CYS B 31 16.25 1.64 30.60
CA CYS B 31 15.46 1.30 29.42
C CYS B 31 16.11 0.10 28.73
N ILE B 32 15.35 -0.50 27.81
CA ILE B 32 15.88 -1.49 26.88
C ILE B 32 15.95 -0.85 25.52
N PRO B 33 17.16 -0.85 24.89
CA PRO B 33 17.38 -0.23 23.59
C PRO B 33 16.53 -0.76 22.43
N PHE B 34 16.12 0.17 21.57
CA PHE B 34 15.29 -0.10 20.42
C PHE B 34 15.41 1.04 19.42
N PHE B 35 15.78 0.66 18.19
CA PHE B 35 15.83 1.55 17.06
C PHE B 35 14.55 1.29 16.27
N ARG B 36 13.77 2.33 15.95
CA ARG B 36 12.67 2.15 15.03
C ARG B 36 13.22 1.70 13.70
N SER B 37 12.49 0.83 13.00
CA SER B 37 12.90 0.37 11.69
C SER B 37 12.85 1.53 10.69
N PRO B 39 12.06 3.89 7.81
CA PRO B 39 10.90 4.18 6.97
C PRO B 39 11.13 4.12 5.46
N ALA B 40 10.10 3.67 4.75
CA ALA B 40 10.15 3.57 3.29
C ALA B 40 10.28 4.94 2.66
N CYS B 41 9.56 5.89 3.26
CA CYS B 41 9.55 7.27 2.83
C CYS B 41 9.98 8.15 4.00
N PRO B 42 11.30 8.25 4.26
CA PRO B 42 11.82 9.15 5.28
C PRO B 42 11.23 10.56 5.24
N GLY B 43 10.69 10.99 6.38
CA GLY B 43 10.40 12.40 6.56
C GLY B 43 8.97 12.78 6.22
N SER B 44 8.14 11.88 5.68
CA SER B 44 6.92 12.30 4.98
C SER B 44 5.79 12.54 5.97
N ASN B 45 5.05 13.63 5.74
CA ASN B 45 3.83 13.95 6.48
C ASN B 45 2.59 13.36 5.81
N ILE B 46 2.71 12.95 4.53
CA ILE B 46 1.60 12.51 3.71
C ILE B 46 1.43 10.99 3.77
N THR B 47 2.56 10.24 3.69
CA THR B 47 2.46 8.78 3.57
C THR B 47 2.25 8.18 4.94
N ILE B 48 1.76 6.94 4.94
CA ILE B 48 1.65 6.19 6.17
C ILE B 48 2.91 5.35 6.36
N ARG B 49 3.57 5.52 7.49
CA ARG B 49 4.89 4.97 7.60
C ARG B 49 4.87 3.48 7.33
N ASN B 50 5.90 3.01 6.62
CA ASN B 50 6.07 1.59 6.39
C ASN B 50 7.53 1.24 6.41
N GLN B 51 7.84 0.00 6.74
CA GLN B 51 9.21 -0.46 6.83
C GLN B 51 9.62 -1.20 5.56
N ILE B 52 10.86 -1.69 5.55
CA ILE B 52 11.50 -2.19 4.34
C ILE B 52 11.94 -3.61 4.57
N ASN B 53 11.93 -4.40 3.50
CA ASN B 53 12.47 -5.75 3.52
C ASN B 53 13.76 -5.66 2.74
N ALA B 54 14.88 -6.05 3.35
CA ALA B 54 16.16 -5.89 2.69
C ALA B 54 16.55 -7.14 1.89
N LEU B 55 15.69 -8.17 1.88
CA LEU B 55 15.95 -9.46 1.25
C LEU B 55 14.89 -9.76 0.21
N THR B 56 15.14 -10.81 -0.58
CA THR B 56 14.16 -11.33 -1.51
C THR B 56 13.16 -12.14 -0.71
N SER B 57 11.88 -11.86 -0.93
CA SER B 57 10.80 -12.57 -0.29
C SER B 57 10.84 -14.05 -0.64
N PHE B 58 11.35 -14.37 -1.83
CA PHE B 58 11.28 -15.72 -2.33
C PHE B 58 12.16 -16.65 -1.52
N VAL B 59 11.77 -17.92 -1.55
CA VAL B 59 12.57 -19.00 -1.00
C VAL B 59 13.55 -19.42 -2.08
N ASP B 60 14.68 -18.69 -2.13
CA ASP B 60 15.66 -18.78 -3.21
C ASP B 60 17.08 -18.94 -2.64
N ALA B 61 17.15 -19.26 -1.35
CA ALA B 61 18.36 -19.45 -0.59
C ALA B 61 19.20 -18.18 -0.55
N SER B 62 18.51 -17.03 -0.52
CA SER B 62 19.19 -15.74 -0.52
C SER B 62 20.09 -15.60 0.70
N MET B 63 19.85 -16.37 1.78
CA MET B 63 20.70 -16.28 2.95
C MET B 63 22.07 -16.89 2.67
N VAL B 64 22.16 -17.74 1.64
CA VAL B 64 23.43 -18.26 1.18
C VAL B 64 24.07 -17.27 0.20
N TYR B 65 23.28 -16.77 -0.76
CA TYR B 65 23.79 -16.13 -1.97
C TYR B 65 23.81 -14.61 -1.92
N GLY B 66 23.06 -14.00 -1.00
CA GLY B 66 22.92 -12.55 -0.98
C GLY B 66 21.64 -12.09 -1.70
N SER B 67 21.19 -10.87 -1.37
CA SER B 67 20.02 -10.28 -1.99
C SER B 67 20.39 -8.96 -2.67
N GLU B 68 21.69 -8.69 -2.74
CA GLU B 68 22.23 -7.48 -3.33
C GLU B 68 23.44 -7.92 -4.16
N GLU B 69 23.67 -7.22 -5.27
CA GLU B 69 24.47 -7.77 -6.36
C GLU B 69 25.96 -7.71 -6.03
N PRO B 70 26.45 -6.62 -5.35
CA PRO B 70 27.83 -6.59 -4.90
C PRO B 70 28.14 -7.72 -3.92
N LEU B 71 27.34 -7.85 -2.87
CA LEU B 71 27.48 -8.88 -1.87
C LEU B 71 27.52 -10.27 -2.51
N ALA B 72 26.64 -10.53 -3.46
CA ALA B 72 26.64 -11.82 -4.14
C ALA B 72 27.97 -12.10 -4.84
N ARG B 73 28.58 -11.07 -5.45
CA ARG B 73 29.87 -11.21 -6.10
C ARG B 73 30.95 -11.51 -5.06
N ASN B 74 30.84 -10.87 -3.89
CA ASN B 74 31.87 -10.95 -2.87
C ASN B 74 31.89 -12.32 -2.22
N LEU B 75 30.72 -12.96 -2.19
CA LEU B 75 30.58 -14.29 -1.62
C LEU B 75 31.15 -15.37 -2.53
N ARG B 76 31.55 -15.03 -3.75
CA ARG B 76 32.00 -16.01 -4.73
C ARG B 76 33.52 -16.08 -4.83
N ASN B 77 33.99 -17.30 -5.12
CA ASN B 77 35.38 -17.60 -5.48
C ASN B 77 35.63 -17.20 -6.94
N MET B 78 36.27 -16.05 -7.13
CA MET B 78 36.54 -15.52 -8.47
C MET B 78 37.99 -15.78 -8.90
N SER B 79 38.68 -16.71 -8.21
CA SER B 79 40.03 -17.11 -8.53
C SER B 79 40.06 -18.34 -9.45
N ASN B 80 38.88 -18.79 -9.88
CA ASN B 80 38.78 -19.99 -10.72
C ASN B 80 37.50 -19.89 -11.54
N GLN B 81 37.27 -20.91 -12.36
CA GLN B 81 36.03 -20.96 -13.14
C GLN B 81 35.24 -22.20 -12.76
N LEU B 82 35.20 -22.53 -11.46
CA LEU B 82 34.53 -23.74 -11.01
C LEU B 82 33.21 -23.38 -10.34
N GLY B 83 32.86 -22.10 -10.36
CA GLY B 83 31.58 -21.61 -9.88
C GLY B 83 31.34 -21.89 -8.39
N LEU B 84 32.35 -21.65 -7.53
CA LEU B 84 32.26 -21.99 -6.11
C LEU B 84 32.00 -20.75 -5.27
N LEU B 85 31.57 -20.96 -4.02
CA LEU B 85 31.43 -19.90 -3.05
C LEU B 85 32.71 -19.81 -2.24
N ALA B 86 33.08 -18.59 -1.81
CA ALA B 86 34.28 -18.38 -1.02
C ALA B 86 34.18 -19.15 0.31
N VAL B 87 35.34 -19.64 0.76
CA VAL B 87 35.46 -20.36 2.03
C VAL B 87 36.49 -19.64 2.88
N ASN B 88 36.43 -19.88 4.20
CA ASN B 88 37.37 -19.30 5.16
C ASN B 88 38.76 -19.68 4.70
N GLN B 89 39.71 -18.74 4.78
CA GLN B 89 41.03 -18.95 4.24
C GLN B 89 42.03 -19.05 5.38
N ARG B 90 41.53 -18.96 6.62
CA ARG B 90 42.39 -18.99 7.80
C ARG B 90 42.20 -20.30 8.57
N PHE B 91 40.96 -20.79 8.68
CA PHE B 91 40.65 -21.94 9.53
C PHE B 91 39.79 -22.92 8.74
N GLN B 92 39.78 -24.18 9.20
CA GLN B 92 39.04 -25.27 8.59
C GLN B 92 38.44 -26.14 9.67
N ASP B 93 37.50 -27.02 9.27
CA ASP B 93 36.79 -27.90 10.19
C ASP B 93 37.10 -29.35 9.83
N ASN B 94 38.18 -29.90 10.39
CA ASN B 94 38.60 -31.26 10.05
C ASN B 94 38.71 -31.44 8.53
N GLY B 95 39.15 -30.41 7.81
CA GLY B 95 39.31 -30.49 6.36
C GLY B 95 38.15 -29.87 5.61
N ARG B 96 36.99 -29.69 6.26
CA ARG B 96 35.80 -29.18 5.56
C ARG B 96 35.75 -27.66 5.65
N ALA B 97 34.90 -27.09 4.78
CA ALA B 97 34.91 -25.64 4.60
C ALA B 97 34.20 -24.94 5.76
N LEU B 98 34.60 -23.68 6.01
CA LEU B 98 33.86 -22.80 6.90
C LEU B 98 33.56 -21.49 6.18
N LEU B 99 32.54 -20.77 6.65
CA LEU B 99 32.17 -19.49 6.08
C LEU B 99 33.36 -18.55 6.19
N PRO B 100 33.59 -17.66 5.20
CA PRO B 100 34.60 -16.62 5.34
C PRO B 100 34.25 -15.62 6.43
N PHE B 101 35.20 -14.77 6.79
CA PHE B 101 35.04 -13.79 7.84
C PHE B 101 34.62 -12.46 7.24
N ASP B 102 33.83 -11.70 8.02
CA ASP B 102 33.36 -10.41 7.60
C ASP B 102 34.24 -9.33 8.21
N ASN B 103 34.21 -8.15 7.58
CA ASN B 103 34.93 -7.00 8.08
C ASN B 103 33.95 -5.94 8.58
N LEU B 104 33.60 -6.00 9.87
CA LEU B 104 32.57 -5.13 10.42
C LEU B 104 33.16 -3.99 11.24
N HIS B 105 32.34 -2.97 11.49
CA HIS B 105 32.74 -1.77 12.21
C HIS B 105 33.02 -2.12 13.68
N ASP B 106 32.01 -2.75 14.30
CA ASP B 106 32.12 -3.19 15.70
C ASP B 106 31.68 -4.64 15.77
N ASP B 107 32.56 -5.49 15.24
CA ASP B 107 32.30 -6.91 15.23
C ASP B 107 31.80 -7.31 16.61
N PRO B 108 30.51 -7.66 16.80
CA PRO B 108 30.02 -8.13 18.09
C PRO B 108 30.58 -9.50 18.50
N CYS B 109 30.96 -10.32 17.51
CA CYS B 109 31.51 -11.64 17.75
C CYS B 109 32.87 -11.51 18.45
N LEU B 110 33.54 -10.37 18.24
CA LEU B 110 34.83 -10.13 18.84
C LEU B 110 34.68 -9.74 20.31
N LEU B 111 33.48 -9.31 20.70
CA LEU B 111 33.26 -8.85 22.05
C LEU B 111 32.74 -9.99 22.90
N THR B 112 32.76 -11.23 22.38
CA THR B 112 32.19 -12.39 23.06
C THR B 112 33.29 -13.07 23.88
N ASN B 113 34.43 -13.42 23.25
CA ASN B 113 35.53 -14.10 23.93
C ASN B 113 36.72 -13.14 24.09
N ARG B 114 37.15 -12.53 22.98
CA ARG B 114 38.18 -11.50 22.98
C ARG B 114 39.56 -12.13 22.87
N SER B 115 39.81 -13.21 23.63
CA SER B 115 41.12 -13.86 23.57
C SER B 115 41.31 -14.45 22.18
N ALA B 116 40.25 -15.12 21.70
CA ALA B 116 40.28 -15.91 20.48
C ALA B 116 40.27 -15.03 19.24
N ARG B 117 39.82 -13.78 19.37
CA ARG B 117 39.93 -12.80 18.29
C ARG B 117 39.40 -13.39 16.98
N ILE B 118 38.21 -14.04 17.04
CA ILE B 118 37.55 -14.65 15.90
C ILE B 118 36.41 -13.72 15.46
N PRO B 119 36.48 -13.12 14.25
CA PRO B 119 35.49 -12.16 13.81
C PRO B 119 34.19 -12.83 13.39
N CYS B 120 33.16 -12.04 13.01
CA CYS B 120 31.89 -12.56 12.56
C CYS B 120 32.04 -13.16 11.16
N PHE B 121 31.10 -14.06 10.80
CA PHE B 121 31.14 -14.75 9.51
C PHE B 121 30.47 -13.85 8.48
N LEU B 122 30.80 -14.08 7.19
CA LEU B 122 30.18 -13.40 6.07
C LEU B 122 29.29 -14.36 5.29
N ALA B 123 28.05 -13.95 5.06
CA ALA B 123 27.12 -14.79 4.33
C ALA B 123 26.08 -13.93 3.59
N GLY B 124 25.13 -14.61 2.95
CA GLY B 124 24.07 -13.97 2.19
C GLY B 124 23.19 -13.08 3.05
N ASP B 125 22.87 -13.54 4.26
CA ASP B 125 22.20 -12.70 5.25
C ASP B 125 23.21 -12.26 6.30
N THR B 126 22.92 -11.13 6.98
CA THR B 126 23.87 -10.50 7.88
C THR B 126 23.87 -11.15 9.25
N ARG B 127 22.99 -12.12 9.51
CA ARG B 127 22.82 -12.64 10.86
C ARG B 127 23.36 -14.05 11.03
N SER B 128 24.33 -14.44 10.19
CA SER B 128 24.88 -15.78 10.14
C SER B 128 25.49 -16.21 11.48
N SER B 129 25.91 -15.24 12.29
CA SER B 129 26.69 -15.51 13.48
C SER B 129 25.90 -15.39 14.78
N GLU B 130 24.59 -15.07 14.71
CA GLU B 130 23.82 -14.71 15.89
C GLU B 130 23.82 -15.86 16.90
N MET B 131 23.73 -17.13 16.44
CA MET B 131 23.85 -18.29 17.32
C MET B 131 24.54 -19.40 16.54
N PRO B 132 25.46 -20.18 17.13
CA PRO B 132 26.30 -21.10 16.37
C PRO B 132 25.51 -22.18 15.64
N GLU B 133 24.28 -22.45 16.12
CA GLU B 133 23.44 -23.43 15.46
C GLU B 133 23.04 -22.89 14.09
N LEU B 134 22.72 -21.60 14.03
CA LEU B 134 22.46 -20.95 12.75
C LEU B 134 23.69 -21.00 11.83
N THR B 135 24.89 -20.70 12.37
CA THR B 135 26.12 -20.69 11.59
C THR B 135 26.38 -22.08 10.99
N SER B 136 26.02 -23.12 11.72
CA SER B 136 26.28 -24.47 11.23
C SER B 136 25.39 -24.81 10.03
N MET B 137 24.18 -24.24 10.01
CA MET B 137 23.25 -24.42 8.90
C MET B 137 23.69 -23.63 7.67
N HIS B 138 24.22 -22.43 7.89
CA HIS B 138 24.82 -21.65 6.81
C HIS B 138 26.04 -22.39 6.24
N THR B 139 26.85 -22.99 7.12
CA THR B 139 28.09 -23.60 6.69
C THR B 139 27.76 -24.85 5.87
N LEU B 140 26.70 -25.55 6.30
CA LEU B 140 26.28 -26.76 5.62
C LEU B 140 25.90 -26.45 4.18
N LEU B 141 25.06 -25.43 3.98
CA LEU B 141 24.57 -25.09 2.65
C LEU B 141 25.69 -24.55 1.76
N LEU B 142 26.66 -23.84 2.35
CA LEU B 142 27.84 -23.37 1.64
C LEU B 142 28.60 -24.55 1.07
N ARG B 143 28.81 -25.56 1.91
CA ARG B 143 29.55 -26.73 1.50
C ARG B 143 28.77 -27.50 0.43
N GLU B 144 27.44 -27.54 0.55
CA GLU B 144 26.60 -28.27 -0.38
C GLU B 144 26.67 -27.63 -1.78
N HIS B 145 26.69 -26.29 -1.83
CA HIS B 145 26.90 -25.60 -3.09
C HIS B 145 28.19 -26.08 -3.76
N ASN B 146 29.31 -26.03 -3.01
CA ASN B 146 30.62 -26.33 -3.58
C ASN B 146 30.71 -27.80 -4.00
N ARG B 147 29.97 -28.68 -3.30
CA ARG B 147 29.87 -30.08 -3.65
C ARG B 147 29.21 -30.25 -5.01
N LEU B 148 28.04 -29.61 -5.13
CA LEU B 148 27.22 -29.66 -6.33
C LEU B 148 28.00 -29.09 -7.52
N ALA B 149 28.66 -27.94 -7.33
CA ALA B 149 29.42 -27.33 -8.40
C ALA B 149 30.54 -28.27 -8.88
N THR B 150 31.24 -28.87 -7.92
CA THR B 150 32.36 -29.73 -8.23
C THR B 150 31.85 -30.84 -9.13
N GLU B 151 30.72 -31.44 -8.71
CA GLU B 151 30.20 -32.65 -9.35
C GLU B 151 29.64 -32.33 -10.73
N LEU B 152 28.99 -31.17 -10.83
CA LEU B 152 28.46 -30.68 -12.09
C LEU B 152 29.58 -30.42 -13.10
N LYS B 153 30.71 -29.88 -12.63
CA LYS B 153 31.84 -29.64 -13.50
C LYS B 153 32.34 -30.99 -14.00
N SER B 154 32.61 -31.86 -13.06
CA SER B 154 33.06 -33.19 -13.40
C SER B 154 32.15 -33.81 -14.47
N LEU B 155 30.83 -33.61 -14.35
CA LEU B 155 29.87 -34.20 -15.27
C LEU B 155 29.75 -33.40 -16.58
N ASN B 156 29.92 -32.08 -16.51
CA ASN B 156 29.81 -31.19 -17.66
C ASN B 156 31.10 -30.38 -17.70
N PRO B 157 32.18 -30.95 -18.31
CA PRO B 157 33.49 -30.30 -18.28
C PRO B 157 33.54 -28.99 -19.05
N ARG B 158 32.61 -28.82 -20.00
CA ARG B 158 32.56 -27.66 -20.87
C ARG B 158 32.04 -26.43 -20.12
N TRP B 159 31.38 -26.63 -18.98
CA TRP B 159 30.70 -25.57 -18.27
C TRP B 159 31.70 -24.65 -17.58
N ASP B 160 31.42 -23.35 -17.66
CA ASP B 160 32.21 -22.28 -17.08
C ASP B 160 31.71 -21.98 -15.67
N GLY B 161 32.42 -21.07 -14.98
CA GLY B 161 32.14 -20.71 -13.59
C GLY B 161 30.74 -20.14 -13.40
N GLU B 162 30.29 -19.31 -14.35
CA GLU B 162 28.97 -18.73 -14.24
C GLU B 162 27.92 -19.85 -14.26
N ARG B 163 27.99 -20.71 -15.27
CA ARG B 163 27.02 -21.78 -15.43
C ARG B 163 27.02 -22.69 -14.21
N LEU B 164 28.21 -23.00 -13.70
CA LEU B 164 28.34 -23.86 -12.56
C LEU B 164 27.62 -23.25 -11.35
N TYR B 165 28.00 -22.03 -10.95
CA TYR B 165 27.44 -21.35 -9.78
C TYR B 165 25.92 -21.26 -9.91
N GLN B 166 25.48 -20.90 -11.12
CA GLN B 166 24.05 -20.72 -11.36
C GLN B 166 23.30 -22.04 -11.21
N GLU B 167 23.86 -23.13 -11.75
CA GLU B 167 23.17 -24.42 -11.74
C GLU B 167 23.14 -24.97 -10.32
N ALA B 168 24.25 -24.78 -9.61
CA ALA B 168 24.32 -25.23 -8.22
C ALA B 168 23.35 -24.42 -7.35
N ARG B 169 23.29 -23.12 -7.58
CA ARG B 169 22.40 -22.24 -6.84
C ARG B 169 20.95 -22.67 -7.07
N LYS B 170 20.62 -23.05 -8.32
CA LYS B 170 19.27 -23.46 -8.66
C LYS B 170 18.88 -24.65 -7.77
N ILE B 171 19.82 -25.57 -7.56
CA ILE B 171 19.56 -26.78 -6.79
C ILE B 171 19.48 -26.45 -5.30
N VAL B 172 20.39 -25.64 -4.78
CA VAL B 172 20.35 -25.26 -3.38
C VAL B 172 19.03 -24.57 -3.04
N GLY B 173 18.52 -23.75 -3.95
CA GLY B 173 17.24 -23.11 -3.76
C GLY B 173 16.09 -24.12 -3.70
N ALA B 174 16.12 -25.12 -4.59
CA ALA B 174 15.06 -26.10 -4.69
C ALA B 174 15.07 -27.02 -3.47
N MET B 175 16.26 -27.22 -2.89
CA MET B 175 16.41 -28.06 -1.73
C MET B 175 15.82 -27.36 -0.50
N VAL B 176 16.02 -26.04 -0.39
CA VAL B 176 15.41 -25.24 0.66
C VAL B 176 13.90 -25.22 0.50
N GLN B 177 13.42 -25.16 -0.76
CA GLN B 177 12.01 -25.17 -1.06
C GLN B 177 11.38 -26.48 -0.59
N ILE B 178 12.08 -27.60 -0.84
CA ILE B 178 11.48 -28.91 -0.63
C ILE B 178 11.43 -29.20 0.87
N ILE B 179 12.56 -28.97 1.55
CA ILE B 179 12.61 -29.18 2.99
C ILE B 179 11.50 -28.35 3.63
N THR B 180 11.39 -27.09 3.17
CA THR B 180 10.46 -26.13 3.77
C THR B 180 9.01 -26.58 3.61
N TYR B 181 8.61 -27.01 2.42
CA TYR B 181 7.19 -27.21 2.17
C TYR B 181 6.76 -28.67 2.30
N ARG B 182 7.74 -29.59 2.34
CA ARG B 182 7.47 -31.03 2.38
C ARG B 182 7.57 -31.51 3.81
N ASP B 183 8.60 -31.05 4.53
CA ASP B 183 8.95 -31.59 5.83
C ASP B 183 8.64 -30.60 6.96
N TYR B 184 8.85 -29.30 6.76
CA TYR B 184 8.77 -28.34 7.86
C TYR B 184 7.37 -27.79 8.06
N LEU B 185 6.82 -27.11 7.07
CA LEU B 185 5.61 -26.32 7.27
C LEU B 185 4.47 -27.21 7.77
N PRO B 186 4.32 -28.46 7.29
CA PRO B 186 3.25 -29.31 7.79
C PRO B 186 3.36 -29.58 9.28
N LEU B 187 4.56 -29.44 9.85
CA LEU B 187 4.76 -29.69 11.27
C LEU B 187 4.62 -28.40 12.07
N VAL B 188 4.41 -27.27 11.38
CA VAL B 188 4.16 -25.97 11.99
C VAL B 188 2.67 -25.65 12.00
N LEU B 189 1.97 -26.06 10.94
CA LEU B 189 0.60 -25.66 10.71
C LEU B 189 -0.34 -26.78 11.09
N GLY B 190 0.17 -28.01 11.05
CA GLY B 190 -0.70 -29.17 11.21
C GLY B 190 -1.43 -29.55 9.93
N PRO B 191 -1.89 -30.79 9.83
CA PRO B 191 -2.55 -31.30 8.63
C PRO B 191 -3.74 -30.48 8.09
N THR B 192 -4.63 -30.07 8.99
CA THR B 192 -5.86 -29.37 8.59
C THR B 192 -5.53 -28.03 7.94
N ALA B 193 -4.62 -27.27 8.53
CA ALA B 193 -4.30 -25.95 8.00
C ALA B 193 -3.40 -26.03 6.78
N MET B 194 -2.56 -27.07 6.73
CA MET B 194 -1.72 -27.29 5.56
C MET B 194 -2.61 -27.48 4.33
N ARG B 195 -3.66 -28.31 4.45
CA ARG B 195 -4.56 -28.61 3.35
C ARG B 195 -5.37 -27.35 3.02
N LYS B 196 -5.61 -26.50 4.00
CA LYS B 196 -6.44 -25.32 3.79
C LYS B 196 -5.63 -24.18 3.17
N TYR B 197 -4.42 -23.92 3.71
CA TYR B 197 -3.65 -22.75 3.28
C TYR B 197 -2.65 -23.14 2.18
N LEU B 198 -2.30 -24.42 2.05
CA LEU B 198 -1.32 -24.86 1.07
C LEU B 198 -1.86 -26.10 0.35
N PRO B 199 -2.95 -25.98 -0.45
CA PRO B 199 -3.39 -27.09 -1.27
C PRO B 199 -2.33 -27.45 -2.29
N THR B 200 -2.39 -28.68 -2.81
CA THR B 200 -1.48 -29.16 -3.82
C THR B 200 -1.22 -28.11 -4.89
N TYR B 201 0.07 -27.99 -5.23
CA TYR B 201 0.52 -26.99 -6.19
C TYR B 201 -0.05 -27.28 -7.57
N ARG B 202 -0.45 -26.22 -8.26
CA ARG B 202 -0.98 -26.31 -9.61
C ARG B 202 0.07 -25.75 -10.58
N SER B 203 0.21 -24.44 -10.64
CA SER B 203 1.18 -23.79 -11.51
C SER B 203 1.43 -22.37 -11.02
N TYR B 204 2.42 -21.69 -11.62
CA TYR B 204 2.69 -20.29 -11.34
C TYR B 204 1.47 -19.42 -11.66
N ASN B 205 1.30 -18.34 -10.89
CA ASN B 205 0.26 -17.38 -11.11
C ASN B 205 0.84 -15.96 -11.04
N ASP B 206 1.06 -15.36 -12.21
CA ASP B 206 1.64 -14.03 -12.34
C ASP B 206 0.81 -12.99 -11.60
N SER B 207 -0.36 -13.37 -11.06
CA SER B 207 -1.21 -12.39 -10.42
C SER B 207 -1.19 -12.57 -8.90
N VAL B 208 -0.40 -13.52 -8.40
CA VAL B 208 -0.25 -13.66 -6.98
C VAL B 208 0.94 -12.79 -6.53
N ASP B 209 0.69 -11.87 -5.57
CA ASP B 209 1.69 -11.03 -4.99
C ASP B 209 2.62 -11.87 -4.10
N PRO B 210 3.92 -11.94 -4.40
CA PRO B 210 4.87 -12.66 -3.60
C PRO B 210 5.57 -11.83 -2.52
N ARG B 211 5.09 -10.63 -2.21
CA ARG B 211 5.73 -9.78 -1.21
C ARG B 211 5.50 -10.31 0.20
N ILE B 212 6.47 -10.02 1.10
CA ILE B 212 6.30 -10.33 2.52
C ILE B 212 5.40 -9.27 3.13
N ALA B 213 4.39 -9.69 3.88
CA ALA B 213 3.53 -8.72 4.54
C ALA B 213 4.15 -8.25 5.86
N ASN B 214 3.91 -6.98 6.25
CA ASN B 214 4.54 -6.45 7.42
C ASN B 214 4.35 -7.47 8.56
N VAL B 215 3.08 -7.89 8.72
CA VAL B 215 2.64 -8.66 9.88
C VAL B 215 3.44 -9.95 9.99
N PHE B 216 3.94 -10.51 8.89
CA PHE B 216 4.62 -11.79 8.89
C PHE B 216 5.98 -11.67 9.60
N THR B 217 6.57 -10.45 9.63
CA THR B 217 7.87 -10.29 10.26
C THR B 217 7.71 -10.45 11.76
N ASN B 218 6.49 -10.23 12.27
CA ASN B 218 6.24 -10.36 13.70
C ASN B 218 5.62 -11.71 13.99
N ALA B 219 4.73 -12.19 13.16
CA ALA B 219 4.00 -13.42 13.46
C ALA B 219 4.90 -14.65 13.31
N PHE B 220 5.90 -14.60 12.44
CA PHE B 220 6.77 -15.76 12.28
C PHE B 220 7.76 -15.84 13.45
N ARG B 221 7.77 -14.85 14.34
CA ARG B 221 8.56 -14.93 15.55
C ARG B 221 7.93 -15.89 16.56
N TYR B 222 6.93 -16.65 16.14
CA TYR B 222 6.38 -17.73 16.91
C TYR B 222 7.52 -18.64 17.38
N GLY B 223 8.56 -18.75 16.56
CA GLY B 223 9.59 -19.74 16.80
C GLY B 223 10.48 -19.38 17.99
N HIS B 224 10.33 -18.16 18.49
CA HIS B 224 10.99 -17.77 19.72
C HIS B 224 10.48 -18.62 20.88
N THR B 225 9.35 -19.32 20.77
CA THR B 225 8.77 -20.14 21.83
C THR B 225 9.41 -21.52 21.82
N LEU B 226 10.17 -21.84 20.77
CA LEU B 226 10.77 -23.15 20.64
C LEU B 226 12.21 -23.13 21.14
N ILE B 227 12.72 -21.94 21.49
CA ILE B 227 14.14 -21.77 21.73
C ILE B 227 14.42 -22.33 23.12
N GLN B 228 15.40 -23.25 23.19
CA GLN B 228 15.83 -23.85 24.44
C GLN B 228 16.90 -22.96 25.04
N PRO B 229 17.20 -23.07 26.36
CA PRO B 229 18.17 -22.19 27.01
C PRO B 229 19.64 -22.60 26.92
N PHE B 230 19.95 -23.70 26.22
CA PHE B 230 21.33 -24.16 26.10
C PHE B 230 21.61 -24.52 24.65
N MET B 231 22.89 -24.47 24.27
CA MET B 231 23.33 -25.11 23.04
C MET B 231 23.95 -26.48 23.33
N PHE B 232 23.44 -27.53 22.67
CA PHE B 232 23.84 -28.90 22.99
C PHE B 232 24.82 -29.42 21.95
N ARG B 233 25.93 -30.02 22.40
CA ARG B 233 26.92 -30.58 21.47
C ARG B 233 27.22 -32.03 21.84
N LEU B 234 27.35 -32.90 20.83
CA LEU B 234 27.46 -34.35 21.03
C LEU B 234 28.63 -34.94 20.24
N ASP B 235 29.24 -36.00 20.80
CA ASP B 235 30.37 -36.72 20.19
C ASP B 235 29.86 -37.68 19.12
N ASN B 236 30.76 -38.52 18.59
CA ASN B 236 30.43 -39.41 17.49
C ASN B 236 29.54 -40.59 17.92
N ARG B 237 29.27 -40.69 19.23
CA ARG B 237 28.39 -41.71 19.80
C ARG B 237 27.11 -41.04 20.31
N TYR B 238 26.91 -39.77 19.90
CA TYR B 238 25.78 -38.94 20.30
C TYR B 238 25.76 -38.79 21.81
N GLN B 239 26.96 -38.75 22.42
CA GLN B 239 27.10 -38.57 23.85
C GLN B 239 27.56 -37.14 24.07
N PRO B 240 27.22 -36.50 25.21
CA PRO B 240 27.70 -35.16 25.53
C PRO B 240 29.19 -34.99 25.25
N MET B 241 29.55 -33.84 24.65
CA MET B 241 30.95 -33.54 24.35
C MET B 241 31.58 -32.75 25.51
N GLU B 242 32.77 -33.17 25.96
CA GLU B 242 33.39 -32.58 27.15
C GLU B 242 34.46 -31.58 26.70
N PRO B 243 34.84 -30.61 27.56
CA PRO B 243 34.23 -30.43 28.88
C PRO B 243 32.88 -29.70 28.93
N ASN B 244 32.55 -28.90 27.90
CA ASN B 244 31.35 -28.07 27.96
C ASN B 244 30.28 -28.47 26.93
N PRO B 245 29.38 -29.42 27.30
CA PRO B 245 28.35 -29.91 26.38
C PRO B 245 27.03 -29.13 26.31
N ARG B 246 26.79 -28.27 27.31
CA ARG B 246 25.52 -27.58 27.43
C ARG B 246 25.80 -26.12 27.75
N VAL B 247 26.03 -25.32 26.72
CA VAL B 247 26.42 -23.93 26.90
C VAL B 247 25.17 -23.09 27.05
N PRO B 248 25.01 -22.27 28.11
CA PRO B 248 23.92 -21.31 28.17
C PRO B 248 23.96 -20.35 26.99
N LEU B 249 22.80 -20.10 26.39
CA LEU B 249 22.66 -19.27 25.18
C LEU B 249 23.24 -17.87 25.38
N SER B 250 23.09 -17.28 26.57
CA SER B 250 23.70 -15.98 26.88
C SER B 250 25.20 -15.96 26.58
N ARG B 251 25.82 -17.14 26.43
CA ARG B 251 27.21 -17.26 26.05
C ARG B 251 27.41 -17.87 24.66
N VAL B 252 26.37 -17.90 23.82
CA VAL B 252 26.48 -18.45 22.47
C VAL B 252 26.16 -17.37 21.42
N PHE B 253 25.46 -16.29 21.80
CA PHE B 253 25.10 -15.25 20.85
C PHE B 253 26.36 -14.62 20.31
N PHE B 254 26.50 -14.67 18.99
CA PHE B 254 27.60 -14.06 18.27
C PHE B 254 28.95 -14.73 18.56
N ALA B 255 28.94 -16.00 18.98
CA ALA B 255 30.15 -16.63 19.46
C ALA B 255 30.78 -17.43 18.32
N SER B 256 31.29 -16.73 17.31
CA SER B 256 31.79 -17.40 16.13
C SER B 256 32.99 -18.28 16.51
N TRP B 257 33.70 -17.88 17.58
CA TRP B 257 34.88 -18.58 18.04
C TRP B 257 34.59 -20.06 18.34
N ARG B 258 33.38 -20.34 18.88
CA ARG B 258 33.05 -21.66 19.39
C ARG B 258 33.02 -22.66 18.23
N VAL B 259 32.87 -22.11 17.01
CA VAL B 259 32.73 -22.91 15.80
C VAL B 259 34.12 -23.26 15.28
N VAL B 260 34.98 -22.24 15.22
CA VAL B 260 36.33 -22.41 14.70
C VAL B 260 37.17 -23.30 15.64
N LEU B 261 36.96 -23.25 16.97
CA LEU B 261 37.92 -23.84 17.91
C LEU B 261 37.30 -24.98 18.71
N GLU B 262 36.06 -24.82 19.15
CA GLU B 262 35.42 -25.82 19.99
C GLU B 262 34.77 -26.92 19.16
N GLY B 263 35.36 -27.25 18.01
CA GLY B 263 35.09 -28.53 17.37
C GLY B 263 34.32 -28.47 16.05
N GLY B 264 34.05 -27.27 15.53
CA GLY B 264 33.40 -27.12 14.23
C GLY B 264 31.90 -27.34 14.35
N ILE B 265 31.28 -27.74 13.23
CA ILE B 265 29.84 -27.75 13.13
C ILE B 265 29.27 -29.12 13.44
N ASP B 266 30.08 -30.19 13.30
CA ASP B 266 29.58 -31.55 13.47
C ASP B 266 28.91 -31.72 14.84
N PRO B 267 29.53 -31.30 15.96
CA PRO B 267 28.91 -31.46 17.27
C PRO B 267 27.55 -30.76 17.42
N ILE B 268 27.44 -29.55 16.84
CA ILE B 268 26.27 -28.70 17.01
C ILE B 268 25.09 -29.31 16.30
N LEU B 269 25.35 -29.83 15.10
CA LEU B 269 24.32 -30.43 14.27
C LEU B 269 23.78 -31.71 14.92
N ARG B 270 24.69 -32.53 15.45
CA ARG B 270 24.29 -33.74 16.14
C ARG B 270 23.32 -33.35 17.25
N GLY B 271 23.63 -32.25 17.92
CA GLY B 271 22.87 -31.82 19.07
C GLY B 271 21.48 -31.39 18.66
N LEU B 272 21.38 -30.69 17.52
CA LEU B 272 20.11 -30.20 17.00
C LEU B 272 19.18 -31.38 16.69
N MET B 273 19.77 -32.44 16.13
CA MET B 273 19.04 -33.62 15.69
C MET B 273 18.55 -34.44 16.88
N ALA B 274 19.34 -34.52 17.97
CA ALA B 274 19.05 -35.46 19.04
C ALA B 274 18.51 -34.78 20.31
N THR B 275 18.38 -33.46 20.30
CA THR B 275 17.81 -32.75 21.42
C THR B 275 16.40 -32.28 21.04
N PRO B 276 15.39 -32.41 21.92
CA PRO B 276 14.07 -31.88 21.63
C PRO B 276 14.02 -30.35 21.66
N ALA B 277 13.05 -29.76 20.96
CA ALA B 277 12.80 -28.34 21.08
C ALA B 277 12.00 -28.06 22.37
N LYS B 278 11.97 -26.80 22.81
CA LYS B 278 11.02 -26.39 23.84
C LYS B 278 9.61 -26.43 23.27
N LEU B 279 8.65 -26.85 24.10
CA LEU B 279 7.25 -26.75 23.76
C LEU B 279 6.68 -25.39 24.21
N ASN B 280 5.85 -24.77 23.35
CA ASN B 280 5.05 -23.63 23.79
C ASN B 280 3.92 -24.12 24.69
N ARG B 281 3.90 -23.55 25.92
CA ARG B 281 2.78 -23.74 26.83
C ARG B 281 2.35 -22.37 27.30
N GLN B 282 1.04 -22.23 27.58
CA GLN B 282 0.43 -20.95 27.90
C GLN B 282 1.06 -20.30 29.15
N ASN B 283 1.66 -21.10 30.02
CA ASN B 283 2.34 -20.63 31.21
C ASN B 283 3.85 -20.77 31.08
N GLN B 284 4.32 -21.23 29.91
CA GLN B 284 5.74 -21.38 29.62
C GLN B 284 6.07 -20.92 28.19
N ILE B 285 5.93 -19.60 27.95
CA ILE B 285 5.92 -19.10 26.57
C ILE B 285 7.34 -19.02 26.02
N ALA B 286 8.24 -18.20 26.63
CA ALA B 286 9.65 -18.10 26.25
C ALA B 286 10.57 -18.08 27.47
N VAL B 287 11.84 -18.41 27.28
CA VAL B 287 12.77 -18.62 28.39
C VAL B 287 13.62 -17.38 28.66
N ASP B 288 14.31 -17.34 29.81
CA ASP B 288 14.96 -16.14 30.32
C ASP B 288 16.31 -15.88 29.63
N GLU B 289 16.84 -16.90 28.96
CA GLU B 289 18.03 -16.73 28.15
C GLU B 289 17.76 -15.78 26.97
N ILE B 290 16.49 -15.59 26.55
CA ILE B 290 16.16 -14.55 25.57
C ILE B 290 15.27 -13.46 26.15
N ARG B 291 14.57 -13.72 27.25
CA ARG B 291 13.70 -12.74 27.91
C ARG B 291 14.45 -11.88 28.94
N GLU B 292 15.67 -12.27 29.35
CA GLU B 292 16.41 -11.46 30.30
C GLU B 292 17.89 -11.28 29.90
N ARG B 293 18.43 -12.17 29.06
CA ARG B 293 19.87 -12.19 28.87
C ARG B 293 20.22 -12.30 27.39
N LEU B 294 19.35 -11.73 26.54
CA LEU B 294 19.61 -11.66 25.10
C LEU B 294 20.70 -10.63 24.84
N PHE B 295 21.82 -11.10 24.26
CA PHE B 295 22.92 -10.27 23.81
C PHE B 295 23.53 -9.54 24.99
N GLU B 296 23.77 -10.29 26.07
CA GLU B 296 24.34 -9.63 27.24
C GLU B 296 25.84 -9.51 27.02
N GLN B 297 26.40 -10.43 26.22
CA GLN B 297 27.84 -10.54 26.02
C GLN B 297 28.39 -9.42 25.16
N VAL B 298 27.51 -8.67 24.49
CA VAL B 298 27.92 -7.74 23.46
C VAL B 298 27.19 -6.41 23.58
N MET B 299 26.50 -6.17 24.71
CA MET B 299 25.66 -4.99 24.87
C MET B 299 25.71 -4.49 26.31
N ARG B 300 25.06 -3.35 26.57
CA ARG B 300 25.17 -2.69 27.86
C ARG B 300 24.26 -3.40 28.84
N ILE B 301 23.14 -3.87 28.33
CA ILE B 301 22.13 -4.54 29.12
C ILE B 301 21.64 -5.72 28.27
N GLY B 302 21.12 -6.75 28.92
CA GLY B 302 20.54 -7.87 28.20
C GLY B 302 19.13 -7.51 27.75
N LEU B 303 18.67 -8.10 26.64
CA LEU B 303 17.44 -7.66 26.00
C LEU B 303 16.34 -8.65 26.29
N ASP B 304 15.11 -8.24 26.00
CA ASP B 304 13.94 -9.10 26.17
C ASP B 304 13.36 -9.35 24.79
N LEU B 305 13.65 -10.50 24.17
CA LEU B 305 13.26 -10.74 22.79
C LEU B 305 11.72 -10.66 22.70
N PRO B 306 10.95 -11.32 23.60
CA PRO B 306 9.48 -11.15 23.64
C PRO B 306 9.01 -9.70 23.65
N ALA B 307 9.61 -8.88 24.49
CA ALA B 307 9.20 -7.49 24.58
C ALA B 307 9.63 -6.72 23.34
N LEU B 308 10.80 -7.05 22.79
CA LEU B 308 11.22 -6.49 21.52
C LEU B 308 10.19 -6.77 20.43
N ASN B 309 9.67 -8.00 20.44
CA ASN B 309 8.66 -8.46 19.50
C ASN B 309 7.47 -7.53 19.57
N MET B 310 7.07 -7.16 20.79
CA MET B 310 5.86 -6.40 21.00
C MET B 310 6.11 -4.92 20.76
N GLN B 311 7.30 -4.42 21.05
CA GLN B 311 7.64 -3.05 20.67
C GLN B 311 7.68 -2.92 19.15
N ARG B 312 8.31 -3.87 18.45
CA ARG B 312 8.41 -3.82 17.00
C ARG B 312 7.03 -3.76 16.34
N SER B 313 6.09 -4.56 16.85
CA SER B 313 4.73 -4.60 16.37
C SER B 313 4.18 -3.18 16.31
N ARG B 314 4.48 -2.41 17.35
CA ARG B 314 3.93 -1.09 17.55
C ARG B 314 4.68 -0.09 16.68
N ASP B 315 6.00 -0.29 16.57
CA ASP B 315 6.83 0.51 15.67
C ASP B 315 6.33 0.37 14.23
N HIS B 316 5.85 -0.83 13.87
CA HIS B 316 5.42 -1.18 12.53
C HIS B 316 3.95 -0.89 12.31
N GLY B 317 3.26 -0.40 13.33
CA GLY B 317 1.87 0.01 13.19
C GLY B 317 0.94 -1.17 12.94
N LEU B 318 1.31 -2.37 13.41
CA LEU B 318 0.47 -3.54 13.23
C LEU B 318 -0.84 -3.41 14.04
N PRO B 319 -2.02 -3.65 13.41
CA PRO B 319 -3.26 -3.80 14.13
C PRO B 319 -3.15 -4.83 15.23
N GLY B 320 -4.11 -4.81 16.17
CA GLY B 320 -4.10 -5.72 17.29
C GLY B 320 -4.68 -7.10 16.96
N TYR B 321 -4.74 -7.96 17.98
CA TYR B 321 -5.19 -9.35 17.82
C TYR B 321 -6.54 -9.49 17.12
N ASN B 322 -7.59 -8.82 17.63
CA ASN B 322 -8.96 -9.05 17.15
C ASN B 322 -9.08 -8.64 15.69
N ALA B 323 -8.29 -7.66 15.27
CA ALA B 323 -8.36 -7.20 13.89
C ALA B 323 -7.81 -8.28 12.98
N TRP B 324 -6.79 -9.00 13.46
CA TRP B 324 -6.18 -10.07 12.68
C TRP B 324 -7.05 -11.32 12.69
N ARG B 325 -7.85 -11.53 13.73
CA ARG B 325 -8.77 -12.65 13.73
C ARG B 325 -9.88 -12.42 12.69
N ARG B 326 -10.41 -11.20 12.62
CA ARG B 326 -11.42 -10.85 11.65
C ARG B 326 -10.87 -11.03 10.24
N PHE B 327 -9.62 -10.62 10.04
CA PHE B 327 -8.95 -10.81 8.75
C PHE B 327 -8.92 -12.30 8.41
N CYS B 328 -8.61 -13.16 9.38
CA CYS B 328 -8.47 -14.58 9.12
C CYS B 328 -9.76 -15.37 9.23
N GLY B 329 -10.91 -14.72 9.42
CA GLY B 329 -12.18 -15.43 9.47
C GLY B 329 -12.40 -16.12 10.81
N LEU B 330 -11.77 -15.61 11.87
CA LEU B 330 -11.89 -16.19 13.21
C LEU B 330 -12.76 -15.34 14.12
N PRO B 331 -13.53 -15.92 15.04
CA PRO B 331 -14.30 -15.15 16.01
C PRO B 331 -13.49 -14.16 16.82
N GLN B 332 -14.08 -12.97 17.11
CA GLN B 332 -13.38 -11.93 17.84
C GLN B 332 -13.93 -11.77 19.28
N PRO B 333 -13.20 -12.27 20.29
CA PRO B 333 -13.64 -12.15 21.67
C PRO B 333 -13.58 -10.71 22.19
N GLU B 334 -14.63 -10.28 22.89
CA GLU B 334 -14.72 -8.93 23.42
C GLU B 334 -14.49 -8.96 24.91
N THR B 335 -15.10 -9.94 25.63
CA THR B 335 -15.08 -10.02 27.09
C THR B 335 -14.00 -10.99 27.53
N VAL B 336 -13.66 -10.94 28.82
CA VAL B 336 -12.63 -11.81 29.36
C VAL B 336 -13.10 -13.27 29.27
N GLY B 337 -14.41 -13.52 29.46
CA GLY B 337 -14.96 -14.86 29.35
C GLY B 337 -14.84 -15.43 27.94
N GLN B 338 -15.06 -14.59 26.93
CA GLN B 338 -14.97 -15.06 25.57
C GLN B 338 -13.52 -15.32 25.18
N LEU B 339 -12.59 -14.47 25.65
CA LEU B 339 -11.16 -14.73 25.43
C LEU B 339 -10.71 -16.01 26.16
N GLY B 340 -11.37 -16.32 27.27
CA GLY B 340 -11.15 -17.58 27.96
C GLY B 340 -11.54 -18.78 27.11
N THR B 341 -12.68 -18.66 26.42
CA THR B 341 -13.15 -19.74 25.55
C THR B 341 -12.17 -19.91 24.38
N VAL B 342 -11.64 -18.82 23.83
CA VAL B 342 -10.75 -18.92 22.68
C VAL B 342 -9.38 -19.46 23.10
N LEU B 343 -9.00 -19.21 24.34
CA LEU B 343 -7.68 -19.61 24.79
C LEU B 343 -7.77 -20.89 25.64
N ARG B 344 -9.00 -21.37 25.89
CA ARG B 344 -9.16 -22.52 26.77
C ARG B 344 -8.51 -22.23 28.13
N ASN B 345 -8.65 -20.99 28.63
CA ASN B 345 -7.86 -20.52 29.75
C ASN B 345 -8.38 -19.16 30.21
N LEU B 346 -9.15 -19.16 31.31
CA LEU B 346 -9.70 -17.93 31.82
C LEU B 346 -8.64 -17.17 32.60
N LYS B 347 -7.58 -17.86 33.03
CA LYS B 347 -6.48 -17.28 33.79
C LYS B 347 -5.61 -16.40 32.89
N LEU B 348 -5.18 -16.96 31.76
CA LEU B 348 -4.43 -16.22 30.78
C LEU B 348 -5.26 -15.09 30.19
N ALA B 349 -6.56 -15.36 30.00
CA ALA B 349 -7.45 -14.32 29.51
C ALA B 349 -7.45 -13.12 30.46
N ARG B 350 -7.56 -13.39 31.78
CA ARG B 350 -7.59 -12.34 32.80
C ARG B 350 -6.28 -11.56 32.76
N LYS B 351 -5.17 -12.27 32.58
CA LYS B 351 -3.86 -11.65 32.62
C LYS B 351 -3.68 -10.72 31.43
N LEU B 352 -4.16 -11.16 30.25
CA LEU B 352 -4.10 -10.36 29.03
C LEU B 352 -5.04 -9.15 29.12
N MET B 353 -6.18 -9.30 29.82
CA MET B 353 -7.13 -8.21 29.97
C MET B 353 -6.62 -7.17 30.97
N GLU B 354 -5.76 -7.60 31.90
CA GLU B 354 -5.23 -6.73 32.92
C GLU B 354 -4.19 -5.79 32.31
N GLN B 355 -3.53 -6.29 31.25
CA GLN B 355 -2.48 -5.56 30.55
C GLN B 355 -3.04 -4.72 29.41
N TYR B 356 -4.01 -5.26 28.70
CA TYR B 356 -4.39 -4.69 27.43
C TYR B 356 -5.74 -3.98 27.49
N GLY B 357 -6.62 -4.42 28.41
CA GLY B 357 -7.90 -3.75 28.61
C GLY B 357 -9.00 -4.27 27.69
N THR B 358 -8.65 -4.56 26.43
CA THR B 358 -9.52 -5.17 25.46
C THR B 358 -8.72 -6.21 24.66
N PRO B 359 -9.33 -7.32 24.20
CA PRO B 359 -8.69 -8.20 23.26
C PRO B 359 -8.32 -7.50 21.96
N ASN B 360 -8.82 -6.28 21.75
CA ASN B 360 -8.46 -5.54 20.54
C ASN B 360 -7.05 -4.99 20.61
N ASN B 361 -6.46 -4.78 21.80
CA ASN B 361 -5.17 -4.10 21.85
C ASN B 361 -4.02 -5.06 22.10
N ILE B 362 -4.36 -6.35 22.26
CA ILE B 362 -3.37 -7.38 22.43
C ILE B 362 -2.43 -7.33 21.22
N ASP B 363 -1.12 -7.33 21.45
CA ASP B 363 -0.18 -7.31 20.35
C ASP B 363 -0.23 -8.68 19.68
N ILE B 364 0.02 -8.69 18.37
CA ILE B 364 -0.16 -9.87 17.55
C ILE B 364 0.69 -11.02 18.04
N TRP B 365 1.98 -10.82 18.29
CA TRP B 365 2.82 -11.93 18.71
C TRP B 365 2.31 -12.54 20.01
N MET B 366 1.89 -11.69 20.95
CA MET B 366 1.44 -12.16 22.25
C MET B 366 0.14 -12.95 22.15
N GLY B 367 -0.89 -12.37 21.51
CA GLY B 367 -2.13 -13.08 21.20
C GLY B 367 -1.89 -14.36 20.40
N GLY B 368 -1.02 -14.28 19.39
CA GLY B 368 -0.71 -15.43 18.54
C GLY B 368 -0.15 -16.61 19.35
N VAL B 369 0.81 -16.35 20.22
CA VAL B 369 1.53 -17.44 20.86
C VAL B 369 0.76 -17.89 22.11
N SER B 370 -0.25 -17.12 22.51
CA SER B 370 -1.15 -17.50 23.60
C SER B 370 -2.12 -18.59 23.15
N GLU B 371 -2.36 -18.73 21.84
CA GLU B 371 -3.49 -19.51 21.38
C GLU B 371 -3.14 -20.99 21.49
N PRO B 372 -4.08 -21.85 21.95
CA PRO B 372 -3.88 -23.28 21.92
C PRO B 372 -3.55 -23.77 20.52
N LEU B 373 -2.56 -24.66 20.43
CA LEU B 373 -1.99 -25.12 19.18
C LEU B 373 -2.96 -26.05 18.44
N LYS B 374 -2.78 -26.10 17.12
CA LYS B 374 -3.59 -26.95 16.26
C LYS B 374 -3.12 -28.39 16.44
N ARG B 375 -3.99 -29.38 16.23
CA ARG B 375 -3.54 -30.75 16.27
C ARG B 375 -2.32 -30.95 15.38
N LYS B 376 -1.26 -31.49 15.95
CA LYS B 376 -0.06 -31.86 15.21
C LYS B 376 0.60 -30.65 14.57
N GLY B 377 0.27 -29.46 15.08
CA GLY B 377 0.96 -28.21 14.74
C GLY B 377 1.57 -27.52 15.97
N ARG B 378 2.35 -26.44 15.75
CA ARG B 378 2.96 -25.70 16.85
C ARG B 378 2.57 -24.22 16.84
N VAL B 379 1.51 -23.90 16.12
CA VAL B 379 0.86 -22.61 16.17
C VAL B 379 -0.63 -22.83 16.26
N GLY B 380 -1.36 -21.78 16.60
CA GLY B 380 -2.78 -21.90 16.75
C GLY B 380 -3.46 -21.36 15.49
N PRO B 381 -4.80 -21.26 15.47
CA PRO B 381 -5.52 -20.81 14.29
C PRO B 381 -5.08 -19.47 13.69
N LEU B 382 -4.85 -18.43 14.51
CA LEU B 382 -4.46 -17.13 14.01
C LEU B 382 -3.13 -17.15 13.28
N LEU B 383 -2.12 -17.63 14.00
CA LEU B 383 -0.78 -17.67 13.45
C LEU B 383 -0.71 -18.59 12.24
N ALA B 384 -1.49 -19.67 12.26
CA ALA B 384 -1.50 -20.58 11.12
C ALA B 384 -2.10 -19.87 9.90
N CYS B 385 -3.09 -18.99 10.11
CA CYS B 385 -3.65 -18.27 8.99
C CYS B 385 -2.61 -17.34 8.40
N ILE B 386 -1.93 -16.55 9.23
CA ILE B 386 -1.02 -15.54 8.73
C ILE B 386 0.16 -16.19 8.03
N ILE B 387 0.71 -17.25 8.64
CA ILE B 387 1.91 -17.92 8.15
C ILE B 387 1.56 -18.72 6.90
N GLY B 388 0.40 -19.38 6.92
CA GLY B 388 -0.03 -20.22 5.81
C GLY B 388 -0.29 -19.37 4.57
N THR B 389 -0.99 -18.25 4.78
CA THR B 389 -1.30 -17.32 3.72
C THR B 389 0.00 -16.84 3.06
N GLN B 390 1.04 -16.59 3.83
CA GLN B 390 2.23 -16.01 3.27
C GLN B 390 3.02 -17.05 2.47
N PHE B 391 3.16 -18.27 2.99
CA PHE B 391 3.95 -19.30 2.30
C PHE B 391 3.25 -19.74 1.00
N ARG B 392 1.93 -19.52 0.86
CA ARG B 392 1.21 -19.83 -0.34
C ARG B 392 1.57 -18.83 -1.43
N LYS B 393 1.72 -17.57 -1.02
CA LYS B 393 2.04 -16.49 -1.95
C LYS B 393 3.47 -16.64 -2.45
N LEU B 394 4.37 -17.23 -1.65
CA LEU B 394 5.75 -17.43 -2.02
C LEU B 394 5.92 -18.63 -2.93
N ARG B 395 4.93 -19.53 -2.96
CA ARG B 395 4.97 -20.71 -3.80
C ARG B 395 4.30 -20.41 -5.14
N ASP B 396 3.05 -19.90 -5.09
CA ASP B 396 2.27 -19.70 -6.27
C ASP B 396 2.75 -18.44 -6.99
N GLY B 397 3.34 -17.49 -6.26
CA GLY B 397 3.79 -16.27 -6.88
C GLY B 397 5.26 -16.29 -7.29
N ASP B 398 5.91 -17.47 -7.22
CA ASP B 398 7.30 -17.64 -7.57
C ASP B 398 7.45 -18.25 -8.96
N ARG B 399 8.03 -17.49 -9.88
CA ARG B 399 8.20 -17.89 -11.26
C ARG B 399 9.21 -19.02 -11.36
N PHE B 400 10.14 -19.07 -10.40
CA PHE B 400 11.16 -20.09 -10.39
C PHE B 400 10.91 -21.14 -9.30
N TRP B 401 9.65 -21.32 -8.90
CA TRP B 401 9.29 -22.42 -8.03
C TRP B 401 9.74 -23.73 -8.67
N TRP B 402 10.30 -24.63 -7.87
CA TRP B 402 11.02 -25.78 -8.37
C TRP B 402 10.13 -26.69 -9.21
N GLU B 403 8.81 -26.68 -8.97
CA GLU B 403 7.89 -27.58 -9.66
C GLU B 403 7.27 -26.91 -10.86
N ASN B 404 7.53 -25.64 -11.11
CA ASN B 404 6.85 -24.94 -12.18
C ASN B 404 7.43 -25.41 -13.50
N GLU B 405 6.56 -25.63 -14.51
CA GLU B 405 7.00 -26.10 -15.81
C GLU B 405 8.08 -25.17 -16.36
N GLY B 406 9.21 -25.76 -16.75
CA GLY B 406 10.28 -25.04 -17.42
C GLY B 406 11.47 -24.73 -16.52
N VAL B 407 11.35 -25.00 -15.21
CA VAL B 407 12.42 -24.72 -14.27
C VAL B 407 13.33 -25.94 -14.24
N PHE B 408 12.73 -27.13 -14.09
CA PHE B 408 13.45 -28.39 -14.14
C PHE B 408 12.75 -29.31 -15.11
N SER B 409 13.46 -30.33 -15.60
CA SER B 409 12.87 -31.36 -16.44
C SER B 409 12.11 -32.33 -15.55
N MET B 410 11.28 -33.20 -16.16
CA MET B 410 10.61 -34.22 -15.35
C MET B 410 11.67 -35.09 -14.67
N GLN B 411 12.73 -35.41 -15.40
CA GLN B 411 13.82 -36.21 -14.84
C GLN B 411 14.48 -35.47 -13.67
N GLN B 412 14.77 -34.19 -13.87
CA GLN B 412 15.43 -33.37 -12.86
C GLN B 412 14.57 -33.26 -11.60
N ARG B 413 13.26 -33.13 -11.81
CA ARG B 413 12.34 -33.00 -10.68
C ARG B 413 12.31 -34.33 -9.92
N GLN B 414 12.29 -35.46 -10.64
CA GLN B 414 12.23 -36.79 -10.04
C GLN B 414 13.43 -36.95 -9.10
N ALA B 415 14.58 -36.42 -9.52
CA ALA B 415 15.81 -36.54 -8.76
C ALA B 415 15.73 -35.72 -7.48
N LEU B 416 15.19 -34.52 -7.59
CA LEU B 416 15.14 -33.58 -6.49
C LEU B 416 14.18 -34.07 -5.41
N ALA B 417 13.17 -34.84 -5.81
CA ALA B 417 12.19 -35.31 -4.85
C ALA B 417 12.84 -36.24 -3.80
N GLN B 418 14.13 -36.57 -3.96
CA GLN B 418 14.79 -37.50 -3.06
C GLN B 418 15.66 -36.75 -2.05
N ILE B 419 15.78 -35.43 -2.19
CA ILE B 419 16.63 -34.66 -1.32
C ILE B 419 16.05 -34.78 0.08
N SER B 420 16.94 -34.66 1.06
CA SER B 420 16.53 -34.67 2.45
C SER B 420 17.64 -33.97 3.24
N LEU B 421 17.25 -33.19 4.26
CA LEU B 421 18.25 -32.50 5.06
C LEU B 421 19.23 -33.51 5.67
N PRO B 422 18.77 -34.70 6.12
CA PRO B 422 19.67 -35.74 6.60
C PRO B 422 20.81 -36.09 5.64
N ARG B 423 20.48 -36.26 4.37
CA ARG B 423 21.49 -36.64 3.40
C ARG B 423 22.51 -35.53 3.22
N ILE B 424 22.05 -34.28 3.27
CA ILE B 424 22.93 -33.13 3.11
C ILE B 424 23.98 -33.12 4.22
N ILE B 425 23.60 -33.54 5.43
CA ILE B 425 24.58 -33.64 6.51
C ILE B 425 25.54 -34.80 6.25
N CYS B 426 24.99 -35.94 5.86
CA CYS B 426 25.81 -37.07 5.43
C CYS B 426 26.85 -36.68 4.39
N ASP B 427 26.45 -35.82 3.45
CA ASP B 427 27.24 -35.50 2.27
C ASP B 427 28.22 -34.36 2.56
N ASN B 428 28.02 -33.58 3.63
CA ASN B 428 28.84 -32.39 3.80
C ASN B 428 29.48 -32.30 5.18
N THR B 429 29.27 -33.31 6.04
CA THR B 429 29.89 -33.29 7.36
C THR B 429 30.66 -34.59 7.58
N GLY B 430 31.27 -34.72 8.77
CA GLY B 430 31.90 -35.96 9.16
C GLY B 430 30.93 -36.95 9.83
N ILE B 431 29.63 -36.64 9.86
CA ILE B 431 28.64 -37.43 10.59
C ILE B 431 28.15 -38.59 9.72
N THR B 432 28.14 -39.83 10.28
CA THR B 432 27.73 -41.01 9.53
C THR B 432 26.39 -41.60 10.01
N THR B 433 25.92 -41.15 11.19
CA THR B 433 24.62 -41.55 11.70
C THR B 433 23.78 -40.29 11.93
N VAL B 434 22.56 -40.25 11.36
CA VAL B 434 21.72 -39.04 11.28
C VAL B 434 20.27 -39.44 11.57
N SER B 435 19.37 -38.45 11.67
CA SER B 435 17.95 -38.69 11.92
C SER B 435 17.28 -39.36 10.72
N LYS B 436 16.05 -39.83 10.91
CA LYS B 436 15.31 -40.48 9.84
C LYS B 436 14.04 -39.70 9.52
N ASN B 437 13.34 -40.09 8.43
CA ASN B 437 12.01 -39.61 8.12
C ASN B 437 12.07 -38.11 8.21
N ASN B 438 11.18 -37.51 9.04
CA ASN B 438 11.18 -36.08 9.22
C ASN B 438 12.23 -35.74 10.26
N ILE B 439 13.27 -35.04 9.82
CA ILE B 439 14.35 -34.62 10.69
C ILE B 439 13.77 -33.76 11.81
N PHE B 440 12.57 -33.19 11.56
CA PHE B 440 12.00 -32.19 12.45
C PHE B 440 11.16 -32.84 13.53
N MET B 441 10.90 -34.15 13.39
CA MET B 441 10.13 -34.91 14.36
C MET B 441 11.07 -35.88 15.06
N SER B 442 11.93 -36.57 14.30
CA SER B 442 12.98 -37.41 14.89
C SER B 442 13.76 -36.56 15.89
N ASN B 443 13.91 -37.05 17.14
CA ASN B 443 14.62 -36.28 18.17
C ASN B 443 15.23 -37.13 19.31
N SER B 444 15.27 -38.45 19.16
CA SER B 444 15.79 -39.32 20.20
C SER B 444 16.83 -40.29 19.64
N TYR B 445 18.06 -40.23 20.20
CA TYR B 445 19.12 -41.19 19.89
C TYR B 445 19.08 -42.36 20.89
N PRO B 446 19.18 -43.63 20.44
CA PRO B 446 19.37 -43.99 19.03
C PRO B 446 18.10 -44.30 18.26
N ARG B 447 16.97 -44.38 18.98
CA ARG B 447 15.72 -44.84 18.41
C ARG B 447 15.47 -44.24 17.03
N ASP B 448 15.66 -42.91 16.89
CA ASP B 448 15.25 -42.19 15.69
C ASP B 448 16.42 -41.91 14.74
N PHE B 449 17.48 -42.73 14.81
CA PHE B 449 18.69 -42.46 14.04
C PHE B 449 19.03 -43.66 13.14
N VAL B 450 19.56 -43.35 11.95
CA VAL B 450 19.90 -44.32 10.93
C VAL B 450 21.30 -44.04 10.39
N ASN B 451 21.85 -45.02 9.66
CA ASN B 451 23.17 -44.88 9.05
C ASN B 451 23.01 -44.20 7.69
N CYS B 452 24.04 -43.42 7.32
CA CYS B 452 24.04 -42.61 6.11
C CYS B 452 23.93 -43.46 4.85
N SER B 453 24.58 -44.64 4.88
CA SER B 453 24.57 -45.56 3.77
C SER B 453 23.13 -45.96 3.38
N THR B 454 22.22 -45.97 4.36
CA THR B 454 20.85 -46.39 4.14
C THR B 454 20.06 -45.30 3.42
N LEU B 455 20.71 -44.17 3.12
CA LEU B 455 20.00 -43.04 2.51
C LEU B 455 20.42 -42.87 1.06
N PRO B 456 19.44 -42.65 0.14
CA PRO B 456 19.73 -42.33 -1.26
C PRO B 456 20.31 -40.91 -1.45
N ALA B 457 21.24 -40.77 -2.41
CA ALA B 457 21.88 -39.49 -2.71
C ALA B 457 21.13 -38.78 -3.83
N LEU B 458 21.52 -37.53 -4.10
CA LEU B 458 20.91 -36.79 -5.20
C LEU B 458 21.65 -37.15 -6.48
N ASN B 459 20.93 -37.73 -7.45
CA ASN B 459 21.44 -38.10 -8.75
C ASN B 459 21.48 -36.91 -9.72
N LEU B 460 22.68 -36.48 -10.11
CA LEU B 460 22.85 -35.35 -11.00
C LEU B 460 22.93 -35.81 -12.46
N ALA B 461 22.43 -37.02 -12.74
CA ALA B 461 22.44 -37.61 -14.08
C ALA B 461 21.66 -36.77 -15.10
N SER B 462 20.54 -36.17 -14.64
CA SER B 462 19.64 -35.39 -15.48
C SER B 462 20.21 -33.99 -15.79
N TRP B 463 21.34 -33.64 -15.17
CA TRP B 463 22.00 -32.36 -15.36
C TRP B 463 23.17 -32.47 -16.35
N ARG B 464 23.21 -33.58 -17.13
CA ARG B 464 24.23 -33.73 -18.17
C ARG B 464 23.81 -33.07 -19.48
N GLU B 465 24.77 -32.49 -20.21
CA GLU B 465 24.48 -31.73 -21.42
C GLU B 465 24.99 -32.48 -22.70
N CYS C 3 -7.50 10.84 18.34
CA CYS C 3 -8.86 11.24 17.89
C CYS C 3 -9.78 11.33 19.10
N PRO C 4 -10.46 12.48 19.33
CA PRO C 4 -11.46 12.57 20.40
C PRO C 4 -12.34 11.32 20.48
N GLU C 5 -12.47 10.79 21.71
CA GLU C 5 -13.31 9.64 21.98
C GLU C 5 -14.78 10.01 21.87
N GLN C 6 -15.10 11.29 21.60
CA GLN C 6 -16.47 11.74 21.41
C GLN C 6 -16.53 12.73 20.27
N ASP C 7 -17.57 12.60 19.44
CA ASP C 7 -17.68 13.25 18.15
C ASP C 7 -19.18 13.39 17.88
N LYS C 8 -19.65 14.59 17.50
CA LYS C 8 -21.03 14.73 17.08
C LYS C 8 -21.13 14.86 15.56
N TYR C 9 -20.23 15.68 14.98
CA TYR C 9 -20.21 15.96 13.54
C TYR C 9 -18.93 15.39 12.92
N ARG C 10 -18.79 15.51 11.59
CA ARG C 10 -17.62 14.96 10.91
C ARG C 10 -16.56 16.05 10.89
N THR C 11 -15.29 15.67 10.90
CA THR C 11 -14.21 16.57 10.59
C THR C 11 -14.42 17.05 9.16
N ILE C 12 -13.76 18.17 8.81
CA ILE C 12 -13.70 18.64 7.43
C ILE C 12 -12.75 17.74 6.62
N THR C 13 -11.72 17.17 7.23
CA THR C 13 -10.62 16.53 6.53
C THR C 13 -10.89 15.05 6.35
N GLY C 14 -11.90 14.55 7.07
CA GLY C 14 -12.29 13.15 7.02
C GLY C 14 -11.58 12.37 8.09
N MET C 15 -10.78 13.09 8.89
CA MET C 15 -9.88 12.47 9.84
C MET C 15 -10.75 11.97 10.99
N CYS C 16 -10.35 10.87 11.62
CA CYS C 16 -11.01 10.39 12.81
C CYS C 16 -12.34 9.71 12.51
N ASN C 17 -12.71 9.58 11.24
CA ASN C 17 -13.88 8.79 10.85
C ASN C 17 -13.70 7.35 11.31
N ASN C 18 -12.56 6.80 10.95
CA ASN C 18 -12.16 5.49 11.40
C ASN C 18 -11.26 5.66 12.62
N ARG C 19 -11.68 5.15 13.78
CA ARG C 19 -10.99 5.41 15.02
C ARG C 19 -9.71 4.58 15.07
N ARG C 20 -9.67 3.38 14.47
CA ARG C 20 -8.48 2.57 14.60
C ARG C 20 -7.37 3.10 13.70
N SER C 21 -7.76 3.57 12.50
CA SER C 21 -6.86 3.98 11.45
C SER C 21 -7.30 5.33 10.93
N PRO C 22 -7.12 6.41 11.73
CA PRO C 22 -7.83 7.67 11.51
C PRO C 22 -7.51 8.51 10.27
N THR C 23 -6.54 8.10 9.43
CA THR C 23 -6.35 8.82 8.17
C THR C 23 -7.23 8.26 7.05
N LEU C 24 -7.83 7.08 7.24
CA LEU C 24 -8.45 6.37 6.14
C LEU C 24 -9.66 7.16 5.66
N GLY C 25 -9.57 7.70 4.45
CA GLY C 25 -10.67 8.48 3.88
C GLY C 25 -10.46 9.98 4.05
N ALA C 26 -9.49 10.34 4.86
CA ALA C 26 -9.15 11.73 5.04
C ALA C 26 -8.42 12.25 3.81
N SER C 27 -8.41 13.58 3.68
CA SER C 27 -7.79 14.29 2.58
C SER C 27 -6.26 14.25 2.63
N ASN C 28 -5.63 14.40 1.45
CA ASN C 28 -4.20 14.52 1.29
C ASN C 28 -3.48 13.29 1.86
N ARG C 29 -4.00 12.10 1.55
CA ARG C 29 -3.32 10.83 1.72
C ARG C 29 -3.23 10.11 0.37
N ALA C 30 -2.40 9.08 0.25
CA ALA C 30 -2.34 8.31 -0.96
C ALA C 30 -3.63 7.49 -1.18
N PHE C 31 -3.95 7.22 -2.46
CA PHE C 31 -5.00 6.30 -2.82
C PHE C 31 -4.61 4.92 -2.33
N VAL C 32 -5.58 4.02 -2.23
CA VAL C 32 -5.30 2.62 -1.88
C VAL C 32 -5.10 1.88 -3.18
N ARG C 33 -4.27 0.85 -3.15
CA ARG C 33 -3.97 0.04 -4.34
C ARG C 33 -4.67 -1.30 -4.19
N TRP C 34 -5.65 -1.61 -5.06
CA TRP C 34 -6.24 -2.94 -5.09
C TRP C 34 -5.37 -3.95 -5.86
N LEU C 35 -4.50 -3.48 -6.77
CA LEU C 35 -3.50 -4.37 -7.35
C LEU C 35 -2.14 -3.70 -7.35
N PRO C 36 -1.09 -4.52 -7.30
CA PRO C 36 0.25 -4.00 -7.45
C PRO C 36 0.40 -3.23 -8.75
N ALA C 37 1.20 -2.16 -8.68
CA ALA C 37 1.22 -1.19 -9.75
C ALA C 37 2.04 -1.71 -10.93
N GLU C 38 1.86 -1.07 -12.08
CA GLU C 38 2.47 -1.51 -13.33
C GLU C 38 3.16 -0.34 -13.99
N TYR C 39 4.49 -0.27 -13.85
CA TYR C 39 5.25 0.83 -14.42
C TYR C 39 6.40 0.30 -15.29
N GLU C 40 6.87 1.09 -16.22
CA GLU C 40 7.82 0.64 -17.22
C GLU C 40 9.10 0.16 -16.55
N ASP C 41 9.56 0.86 -15.51
CA ASP C 41 10.85 0.59 -14.86
C ASP C 41 10.63 -0.19 -13.55
N GLY C 42 9.39 -0.58 -13.26
CA GLY C 42 9.11 -1.24 -12.02
C GLY C 42 8.38 -0.33 -11.03
N PHE C 43 8.76 0.93 -10.94
CA PHE C 43 8.37 1.69 -9.76
C PHE C 43 7.95 3.13 -10.05
N SER C 44 8.25 3.70 -11.20
CA SER C 44 8.02 5.13 -11.40
C SER C 44 7.51 5.45 -12.82
N LEU C 45 8.18 4.92 -13.85
CA LEU C 45 8.02 5.40 -15.21
C LEU C 45 6.76 4.84 -15.86
N PRO C 46 5.94 5.67 -16.53
CA PRO C 46 4.74 5.18 -17.17
C PRO C 46 5.08 4.48 -18.49
N TYR C 47 4.29 3.46 -18.85
CA TYR C 47 4.41 2.84 -20.14
C TYR C 47 4.28 3.93 -21.21
N GLY C 48 5.11 3.86 -22.24
CA GLY C 48 5.13 4.91 -23.24
C GLY C 48 6.26 5.89 -23.01
N TRP C 49 6.84 5.89 -21.83
CA TRP C 49 7.86 6.87 -21.52
C TRP C 49 9.05 6.67 -22.44
N THR C 50 9.60 5.46 -22.46
CA THR C 50 10.87 5.24 -23.14
C THR C 50 10.58 4.72 -24.55
N PRO C 51 11.16 5.32 -25.61
CA PRO C 51 10.98 4.77 -26.96
C PRO C 51 11.53 3.35 -27.06
N GLY C 52 10.71 2.47 -27.65
CA GLY C 52 11.11 1.09 -27.92
C GLY C 52 10.80 0.13 -26.78
N VAL C 53 10.21 0.60 -25.69
CA VAL C 53 9.97 -0.29 -24.58
C VAL C 53 8.55 -0.82 -24.69
N LYS C 54 8.45 -2.14 -24.74
CA LYS C 54 7.17 -2.81 -24.94
C LYS C 54 6.56 -3.02 -23.57
N ARG C 55 5.26 -3.29 -23.58
CA ARG C 55 4.55 -3.66 -22.39
C ARG C 55 4.03 -5.09 -22.58
N ASN C 56 4.51 -6.03 -21.75
CA ASN C 56 4.05 -7.40 -21.81
C ASN C 56 4.23 -7.92 -23.24
N GLY C 57 5.27 -7.45 -23.93
CA GLY C 57 5.67 -7.99 -25.21
C GLY C 57 5.05 -7.32 -26.45
N PHE C 58 4.44 -6.14 -26.28
CA PHE C 58 3.75 -5.50 -27.38
C PHE C 58 4.00 -4.01 -27.29
N PRO C 59 4.06 -3.29 -28.42
CA PRO C 59 4.22 -1.86 -28.37
C PRO C 59 3.07 -1.20 -27.65
N VAL C 60 3.39 -0.13 -26.96
CA VAL C 60 2.42 0.70 -26.28
C VAL C 60 1.81 1.59 -27.34
N ALA C 61 0.49 1.57 -27.39
CA ALA C 61 -0.23 2.38 -28.35
C ALA C 61 -0.38 3.82 -27.87
N LEU C 62 -0.13 4.78 -28.76
CA LEU C 62 -0.31 6.18 -28.41
C LEU C 62 -1.76 6.40 -28.01
N ALA C 63 -1.99 7.12 -26.94
CA ALA C 63 -3.34 7.25 -26.42
C ALA C 63 -4.21 8.01 -27.40
N ARG C 64 -3.63 8.98 -28.11
CA ARG C 64 -4.37 9.74 -29.08
C ARG C 64 -4.66 8.87 -30.32
N ALA C 65 -3.79 7.91 -30.65
CA ALA C 65 -4.12 6.98 -31.72
C ALA C 65 -5.32 6.13 -31.31
N VAL C 66 -5.33 5.61 -30.07
CA VAL C 66 -6.40 4.76 -29.60
C VAL C 66 -7.69 5.56 -29.64
N SER C 67 -7.63 6.82 -29.20
CA SER C 67 -8.78 7.73 -29.27
C SER C 67 -9.28 7.92 -30.72
N ASN C 68 -8.36 8.21 -31.65
CA ASN C 68 -8.71 8.48 -33.01
C ASN C 68 -9.43 7.30 -33.66
N GLU C 69 -8.88 6.10 -33.40
CA GLU C 69 -9.28 4.91 -34.14
C GLU C 69 -10.44 4.16 -33.47
N ILE C 70 -10.63 4.26 -32.14
CA ILE C 70 -11.71 3.56 -31.45
C ILE C 70 -12.80 4.49 -30.93
N VAL C 71 -12.45 5.72 -30.55
CA VAL C 71 -13.39 6.56 -29.82
C VAL C 71 -14.13 7.52 -30.75
N ARG C 72 -13.39 8.28 -31.57
CA ARG C 72 -14.00 9.21 -32.47
C ARG C 72 -15.14 8.60 -33.27
N PHE C 73 -16.24 9.36 -33.40
CA PHE C 73 -17.35 8.99 -34.26
C PHE C 73 -17.99 10.28 -34.79
N PRO C 74 -18.77 10.23 -35.90
CA PRO C 74 -19.43 11.44 -36.41
C PRO C 74 -20.49 11.98 -35.44
N THR C 75 -20.30 13.20 -34.92
CA THR C 75 -21.06 13.62 -33.75
C THR C 75 -22.53 13.89 -34.12
N ASP C 76 -22.85 14.16 -35.38
CA ASP C 76 -24.25 14.38 -35.75
C ASP C 76 -25.05 13.07 -35.74
N GLN C 77 -24.38 11.92 -35.59
CA GLN C 77 -25.02 10.62 -35.58
C GLN C 77 -25.26 10.15 -34.16
N LEU C 78 -25.00 10.99 -33.18
CA LEU C 78 -25.10 10.64 -31.76
C LEU C 78 -26.49 10.13 -31.45
N THR C 79 -26.51 9.07 -30.59
CA THR C 79 -27.70 8.39 -30.12
C THR C 79 -28.21 8.94 -28.78
N PRO C 80 -29.34 9.66 -28.69
CA PRO C 80 -29.89 10.02 -27.39
C PRO C 80 -30.35 8.82 -26.59
N ASP C 81 -30.14 8.85 -25.27
CA ASP C 81 -30.58 7.82 -24.35
C ASP C 81 -32.05 8.01 -24.01
N GLN C 82 -32.90 7.10 -24.46
CA GLN C 82 -34.33 7.20 -24.20
C GLN C 82 -34.64 7.26 -22.70
N GLU C 83 -33.78 6.65 -21.86
CA GLU C 83 -34.09 6.29 -20.48
C GLU C 83 -33.14 6.96 -19.45
N ARG C 84 -32.41 8.02 -19.85
CA ARG C 84 -31.56 8.78 -18.93
C ARG C 84 -31.53 10.24 -19.34
N SER C 85 -31.65 11.13 -18.37
CA SER C 85 -31.61 12.56 -18.57
C SER C 85 -30.16 13.03 -18.58
N LEU C 86 -29.94 14.28 -18.98
CA LEU C 86 -28.60 14.83 -18.91
C LEU C 86 -28.17 15.03 -17.47
N MET C 87 -29.13 15.18 -16.54
CA MET C 87 -28.85 15.28 -15.13
C MET C 87 -28.09 14.03 -14.63
N PHE C 88 -28.29 12.90 -15.28
CA PHE C 88 -27.65 11.65 -14.88
C PHE C 88 -26.16 11.71 -15.14
N MET C 89 -25.74 12.46 -16.14
CA MET C 89 -24.32 12.63 -16.32
C MET C 89 -23.82 13.67 -15.33
N GLN C 90 -24.59 14.72 -15.12
CA GLN C 90 -24.09 15.85 -14.37
C GLN C 90 -23.87 15.49 -12.90
N TRP C 91 -24.77 14.69 -12.33
CA TRP C 91 -24.67 14.27 -10.96
C TRP C 91 -23.44 13.42 -10.75
N GLY C 92 -23.11 12.62 -11.76
CA GLY C 92 -21.90 11.83 -11.68
C GLY C 92 -20.68 12.73 -11.56
N GLN C 93 -20.61 13.81 -12.31
CA GLN C 93 -19.43 14.66 -12.23
C GLN C 93 -19.37 15.26 -10.83
N LEU C 94 -20.50 15.82 -10.36
CA LEU C 94 -20.66 16.44 -9.07
C LEU C 94 -20.29 15.44 -7.97
N LEU C 95 -20.73 14.17 -8.11
CA LEU C 95 -20.35 13.13 -7.21
C LEU C 95 -18.85 12.83 -7.27
N ASP C 96 -18.23 12.75 -8.46
CA ASP C 96 -16.79 12.49 -8.57
C ASP C 96 -16.08 13.53 -7.72
N HIS C 97 -16.62 14.75 -7.67
CA HIS C 97 -15.94 15.86 -7.04
C HIS C 97 -16.17 15.86 -5.52
N ASP C 98 -16.98 14.92 -5.01
CA ASP C 98 -17.06 14.64 -3.58
C ASP C 98 -16.01 13.57 -3.20
N LEU C 99 -15.57 12.77 -4.19
CA LEU C 99 -14.77 11.58 -3.96
C LEU C 99 -13.28 11.74 -4.23
N ASP C 100 -12.88 12.33 -5.36
CA ASP C 100 -11.46 12.29 -5.70
C ASP C 100 -11.00 13.50 -6.51
N PHE C 101 -9.80 14.00 -6.16
CA PHE C 101 -9.12 15.02 -6.93
C PHE C 101 -7.62 14.77 -6.86
N THR C 102 -6.98 14.55 -8.02
CA THR C 102 -5.61 14.09 -8.03
C THR C 102 -4.70 15.25 -8.43
N PRO C 103 -4.03 15.90 -7.46
CA PRO C 103 -3.18 17.06 -7.77
C PRO C 103 -1.98 16.79 -8.68
N GLU C 104 -1.59 17.85 -9.38
CA GLU C 104 -0.51 17.84 -10.35
C GLU C 104 0.38 18.99 -9.93
N PRO C 105 1.69 19.00 -10.22
CA PRO C 105 2.44 20.21 -9.98
C PRO C 105 1.85 21.37 -10.78
N ALA C 106 2.09 22.59 -10.29
CA ALA C 106 1.89 23.78 -11.10
C ALA C 106 3.23 24.18 -11.71
N ALA C 107 3.18 25.16 -12.64
CA ALA C 107 4.36 25.61 -13.33
C ALA C 107 5.00 26.79 -12.58
N CYS D 3 13.61 -5.68 -18.15
CA CYS D 3 13.13 -7.08 -17.94
C CYS D 3 13.39 -7.90 -19.20
N PRO D 4 14.54 -8.61 -19.30
CA PRO D 4 14.77 -9.51 -20.44
C PRO D 4 13.57 -10.40 -20.70
N GLU D 5 13.10 -10.45 -21.96
CA GLU D 5 11.93 -11.25 -22.32
C GLU D 5 12.24 -12.75 -22.23
N GLN D 6 13.53 -13.10 -22.11
CA GLN D 6 13.95 -14.49 -21.87
C GLN D 6 14.99 -14.51 -20.77
N ASP D 7 15.01 -15.57 -19.95
CA ASP D 7 16.04 -15.76 -18.93
C ASP D 7 15.97 -17.18 -18.39
N LYS D 8 17.06 -17.65 -17.79
CA LYS D 8 17.15 -19.01 -17.29
C LYS D 8 17.18 -19.06 -15.77
N TYR D 9 17.87 -18.11 -15.16
CA TYR D 9 18.10 -18.14 -13.72
C TYR D 9 17.42 -16.95 -13.04
N ARG D 10 17.40 -16.97 -11.69
CA ARG D 10 16.85 -15.91 -10.88
C ARG D 10 17.90 -14.79 -10.75
N THR D 11 17.42 -13.56 -10.58
CA THR D 11 18.29 -12.44 -10.27
C THR D 11 18.70 -12.60 -8.82
N ILE D 12 19.71 -11.84 -8.39
CA ILE D 12 20.09 -11.80 -7.00
C ILE D 12 19.10 -10.95 -6.21
N THR D 13 18.55 -9.92 -6.86
CA THR D 13 17.72 -8.92 -6.20
C THR D 13 16.27 -9.37 -6.11
N GLY D 14 15.88 -10.38 -6.91
CA GLY D 14 14.51 -10.83 -6.94
C GLY D 14 13.72 -10.06 -7.98
N MET D 15 14.40 -9.17 -8.71
CA MET D 15 13.76 -8.27 -9.63
C MET D 15 13.40 -9.08 -10.87
N CYS D 16 12.36 -8.69 -11.61
CA CYS D 16 12.00 -9.34 -12.85
C CYS D 16 11.43 -10.74 -12.61
N ASN D 17 11.28 -11.16 -11.35
CA ASN D 17 10.69 -12.47 -11.04
C ASN D 17 9.25 -12.45 -11.49
N ASN D 18 8.51 -11.40 -11.10
CA ASN D 18 7.22 -11.09 -11.69
C ASN D 18 7.42 -10.08 -12.83
N ARG D 19 7.08 -10.47 -14.06
CA ARG D 19 7.39 -9.64 -15.22
C ARG D 19 6.46 -8.45 -15.32
N ARG D 20 5.21 -8.57 -14.88
CA ARG D 20 4.27 -7.48 -15.00
C ARG D 20 4.59 -6.36 -14.01
N SER D 21 5.02 -6.76 -12.81
CA SER D 21 5.22 -5.87 -11.68
C SER D 21 6.59 -6.21 -11.07
N PRO D 22 7.70 -5.86 -11.75
CA PRO D 22 8.99 -6.50 -11.52
C PRO D 22 9.71 -6.21 -10.20
N THR D 23 9.19 -5.34 -9.30
CA THR D 23 9.80 -5.21 -7.99
C THR D 23 9.24 -6.22 -6.99
N LEU D 24 8.13 -6.89 -7.31
CA LEU D 24 7.42 -7.71 -6.35
C LEU D 24 8.30 -8.88 -5.92
N GLY D 25 8.73 -8.83 -4.64
CA GLY D 25 9.56 -9.87 -4.04
C GLY D 25 11.05 -9.55 -4.11
N ALA D 26 11.37 -8.45 -4.78
CA ALA D 26 12.72 -7.98 -4.84
C ALA D 26 13.13 -7.36 -3.50
N SER D 27 14.44 -7.29 -3.24
CA SER D 27 15.00 -6.72 -2.03
C SER D 27 14.90 -5.20 -1.98
N ASN D 28 14.95 -4.61 -0.77
CA ASN D 28 14.98 -3.17 -0.56
C ASN D 28 13.75 -2.50 -1.17
N ARG D 29 12.61 -3.14 -0.93
CA ARG D 29 11.29 -2.64 -1.27
C ARG D 29 10.42 -2.75 -0.02
N ALA D 30 9.37 -1.93 0.04
CA ALA D 30 8.50 -1.88 1.21
C ALA D 30 7.69 -3.18 1.33
N PHE D 31 7.35 -3.51 2.60
CA PHE D 31 6.47 -4.62 2.87
C PHE D 31 5.11 -4.26 2.29
N VAL D 32 4.27 -5.28 2.03
CA VAL D 32 2.92 -5.07 1.56
C VAL D 32 2.09 -5.05 2.81
N ARG D 33 0.99 -4.31 2.82
CA ARG D 33 0.11 -4.24 3.99
C ARG D 33 -1.18 -5.01 3.69
N TRP D 34 -1.48 -6.04 4.45
CA TRP D 34 -2.76 -6.74 4.36
C TRP D 34 -3.86 -6.03 5.15
N LEU D 35 -3.49 -5.24 6.17
CA LEU D 35 -4.45 -4.34 6.80
C LEU D 35 -3.93 -2.90 6.85
N PRO D 36 -4.82 -1.91 6.86
CA PRO D 36 -4.38 -0.56 7.15
C PRO D 36 -3.62 -0.48 8.49
N ALA D 37 -2.58 0.34 8.50
CA ALA D 37 -1.68 0.43 9.64
C ALA D 37 -2.31 1.25 10.76
N GLU D 38 -1.80 1.05 11.97
CA GLU D 38 -2.37 1.60 13.20
C GLU D 38 -1.27 2.27 14.00
N TYR D 39 -1.24 3.59 13.90
CA TYR D 39 -0.24 4.40 14.56
C TYR D 39 -0.91 5.40 15.51
N GLU D 40 -0.18 5.83 16.53
CA GLU D 40 -0.73 6.75 17.53
C GLU D 40 -1.33 7.98 16.89
N ASP D 41 -0.60 8.58 15.93
CA ASP D 41 -0.93 9.86 15.34
C ASP D 41 -1.62 9.68 13.99
N GLY D 42 -1.91 8.44 13.62
CA GLY D 42 -2.49 8.20 12.33
C GLY D 42 -1.48 7.64 11.34
N PHE D 43 -0.22 8.11 11.35
CA PHE D 43 0.65 7.84 10.21
C PHE D 43 2.10 7.47 10.57
N SER D 44 2.57 7.74 11.77
CA SER D 44 3.99 7.52 12.00
C SER D 44 4.28 7.05 13.43
N LEU D 45 3.77 7.79 14.44
CA LEU D 45 4.12 7.57 15.83
C LEU D 45 3.61 6.22 16.35
N PRO D 46 4.44 5.48 17.10
CA PRO D 46 4.04 4.17 17.58
C PRO D 46 3.16 4.29 18.81
N TYR D 47 2.25 3.33 19.03
CA TYR D 47 1.47 3.31 20.27
C TYR D 47 2.48 3.23 21.43
N GLY D 48 2.24 4.05 22.47
CA GLY D 48 3.16 4.10 23.58
C GLY D 48 4.17 5.24 23.47
N TRP D 49 4.30 5.83 22.29
CA TRP D 49 5.17 6.98 22.13
C TRP D 49 4.82 8.07 23.13
N THR D 50 3.58 8.56 23.10
CA THR D 50 3.24 9.75 23.86
C THR D 50 2.62 9.30 25.18
N PRO D 51 3.14 9.75 26.33
CA PRO D 51 2.53 9.40 27.61
C PRO D 51 1.12 9.95 27.69
N GLY D 52 0.20 9.08 28.17
CA GLY D 52 -1.19 9.43 28.36
C GLY D 52 -2.06 9.29 27.11
N VAL D 53 -1.50 8.83 25.99
CA VAL D 53 -2.32 8.56 24.83
C VAL D 53 -2.76 7.11 24.84
N LYS D 54 -4.07 6.93 24.79
CA LYS D 54 -4.66 5.61 24.90
C LYS D 54 -4.74 5.03 23.50
N ARG D 55 -4.85 3.71 23.44
CA ARG D 55 -5.07 2.99 22.21
C ARG D 55 -6.47 2.40 22.26
N ASN D 56 -7.33 2.89 21.37
CA ASN D 56 -8.68 2.35 21.27
C ASN D 56 -9.35 2.38 22.65
N GLY D 57 -9.02 3.38 23.45
CA GLY D 57 -9.70 3.60 24.72
C GLY D 57 -9.04 3.04 25.97
N PHE D 58 -7.79 2.58 25.89
CA PHE D 58 -7.15 1.92 27.01
C PHE D 58 -5.66 2.27 27.06
N PRO D 59 -5.03 2.37 28.25
CA PRO D 59 -3.61 2.62 28.33
C PRO D 59 -2.82 1.55 27.60
N VAL D 60 -1.75 1.98 26.94
CA VAL D 60 -0.82 1.08 26.28
C VAL D 60 0.04 0.44 27.36
N ALA D 61 0.13 -0.88 27.33
CA ALA D 61 0.93 -1.64 28.24
C ALA D 61 2.40 -1.58 27.87
N LEU D 62 3.29 -1.36 28.83
CA LEU D 62 4.70 -1.50 28.56
C LEU D 62 4.92 -2.93 28.10
N ALA D 63 5.68 -3.08 27.02
CA ALA D 63 5.97 -4.40 26.50
C ALA D 63 6.72 -5.23 27.55
N ARG D 64 7.60 -4.59 28.34
CA ARG D 64 8.32 -5.33 29.36
C ARG D 64 7.40 -5.76 30.50
N ALA D 65 6.37 -4.97 30.81
CA ALA D 65 5.35 -5.40 31.76
C ALA D 65 4.63 -6.66 31.26
N VAL D 66 4.22 -6.66 29.99
CA VAL D 66 3.51 -7.79 29.39
C VAL D 66 4.41 -9.01 29.48
N SER D 67 5.70 -8.83 29.16
CA SER D 67 6.67 -9.91 29.20
C SER D 67 6.83 -10.47 30.62
N ASN D 68 6.99 -9.57 31.60
CA ASN D 68 7.16 -9.95 32.98
C ASN D 68 5.99 -10.79 33.48
N GLU D 69 4.75 -10.37 33.17
CA GLU D 69 3.54 -10.96 33.76
C GLU D 69 3.15 -12.25 33.01
N ILE D 70 3.21 -12.20 31.67
CA ILE D 70 2.60 -13.24 30.82
C ILE D 70 3.66 -14.25 30.39
N VAL D 71 4.88 -13.79 30.09
CA VAL D 71 5.84 -14.64 29.40
C VAL D 71 6.78 -15.36 30.38
N ARG D 72 7.29 -14.63 31.37
CA ARG D 72 8.19 -15.19 32.35
C ARG D 72 7.69 -16.51 32.95
N PHE D 73 8.59 -17.49 33.02
CA PHE D 73 8.34 -18.70 33.74
C PHE D 73 9.68 -19.24 34.24
N PRO D 74 9.67 -20.09 35.29
CA PRO D 74 10.89 -20.69 35.79
C PRO D 74 11.49 -21.68 34.80
N THR D 75 12.77 -21.50 34.48
CA THR D 75 13.38 -22.24 33.37
C THR D 75 13.50 -23.73 33.67
N ASP D 76 13.53 -24.09 34.95
CA ASP D 76 13.64 -25.47 35.39
C ASP D 76 12.35 -26.23 35.09
N GLN D 77 11.26 -25.53 34.76
CA GLN D 77 9.96 -26.14 34.52
C GLN D 77 9.75 -26.52 33.04
N LEU D 78 10.75 -26.21 32.21
CA LEU D 78 10.58 -26.22 30.77
C LEU D 78 10.21 -27.64 30.32
N THR D 79 9.24 -27.72 29.40
CA THR D 79 8.66 -28.96 28.89
C THR D 79 9.33 -29.33 27.57
N PRO D 80 10.04 -30.47 27.47
CA PRO D 80 10.52 -30.92 26.18
C PRO D 80 9.39 -31.29 25.23
N ASP D 81 9.51 -30.94 23.94
CA ASP D 81 8.59 -31.40 22.91
C ASP D 81 8.95 -32.80 22.44
N GLN D 82 8.09 -33.80 22.75
CA GLN D 82 8.35 -35.18 22.44
C GLN D 82 8.56 -35.42 20.95
N GLU D 83 7.86 -34.63 20.11
CA GLU D 83 7.73 -34.87 18.67
C GLU D 83 8.28 -33.74 17.79
N ARG D 84 9.18 -32.91 18.31
CA ARG D 84 9.90 -31.92 17.52
C ARG D 84 11.32 -31.77 18.02
N SER D 85 12.27 -31.82 17.09
CA SER D 85 13.69 -31.74 17.40
C SER D 85 14.10 -30.27 17.54
N LEU D 86 15.33 -30.01 17.98
CA LEU D 86 15.80 -28.64 18.07
C LEU D 86 16.08 -28.06 16.69
N MET D 87 16.33 -28.97 15.73
CA MET D 87 16.53 -28.59 14.34
C MET D 87 15.25 -27.94 13.82
N PHE D 88 14.08 -28.28 14.37
CA PHE D 88 12.82 -27.71 13.90
C PHE D 88 12.75 -26.22 14.22
N MET D 89 13.40 -25.81 15.31
CA MET D 89 13.42 -24.38 15.58
C MET D 89 14.46 -23.70 14.70
N GLN D 90 15.58 -24.39 14.50
CA GLN D 90 16.71 -23.75 13.84
C GLN D 90 16.39 -23.49 12.36
N TRP D 91 15.66 -24.42 11.73
CA TRP D 91 15.34 -24.29 10.34
C TRP D 91 14.40 -23.10 10.12
N GLY D 92 13.49 -22.88 11.09
CA GLY D 92 12.68 -21.69 11.10
C GLY D 92 13.54 -20.44 11.03
N GLN D 93 14.60 -20.36 11.84
CA GLN D 93 15.35 -19.12 11.88
C GLN D 93 16.07 -18.94 10.55
N LEU D 94 16.69 -20.02 10.06
CA LEU D 94 17.37 -20.04 8.77
C LEU D 94 16.42 -19.62 7.68
N LEU D 95 15.19 -20.15 7.73
CA LEU D 95 14.16 -19.81 6.76
C LEU D 95 13.72 -18.35 6.91
N ASP D 96 13.50 -17.84 8.13
CA ASP D 96 13.23 -16.43 8.34
C ASP D 96 14.24 -15.61 7.54
N HIS D 97 15.51 -16.01 7.52
CA HIS D 97 16.57 -15.19 6.95
C HIS D 97 16.63 -15.33 5.41
N ASP D 98 15.79 -16.21 4.86
CA ASP D 98 15.59 -16.29 3.41
C ASP D 98 14.50 -15.30 2.99
N LEU D 99 13.68 -14.86 3.95
CA LEU D 99 12.42 -14.18 3.72
C LEU D 99 12.47 -12.69 4.01
N ASP D 100 12.99 -12.30 5.19
CA ASP D 100 12.86 -10.92 5.59
C ASP D 100 13.98 -10.51 6.55
N PHE D 101 14.31 -9.22 6.46
CA PHE D 101 15.27 -8.56 7.30
C PHE D 101 14.85 -7.11 7.25
N THR D 102 14.54 -6.53 8.42
CA THR D 102 13.97 -5.20 8.47
C THR D 102 15.04 -4.24 8.96
N PRO D 103 15.73 -3.49 8.10
CA PRO D 103 16.81 -2.59 8.52
C PRO D 103 16.40 -1.47 9.50
N GLU D 104 17.36 -1.09 10.34
CA GLU D 104 17.27 -0.02 11.32
C GLU D 104 18.53 0.78 11.12
N PRO D 105 18.57 2.08 11.45
CA PRO D 105 19.85 2.79 11.40
C PRO D 105 20.83 2.15 12.39
N ALA D 106 22.12 2.47 12.28
CA ALA D 106 23.01 2.24 13.41
C ALA D 106 23.25 3.55 14.18
N ALA D 107 24.08 3.42 15.23
CA ALA D 107 24.67 4.53 15.97
C ALA D 107 24.32 5.88 15.33
N ALA E 1 -3.93 31.47 0.88
CA ALA E 1 -3.01 32.61 0.81
C ALA E 1 -3.87 33.83 0.55
N ASN E 2 -4.59 33.82 -0.57
CA ASN E 2 -5.16 35.01 -1.19
C ASN E 2 -6.45 35.44 -0.51
N PHE E 3 -6.58 36.77 -0.37
CA PHE E 3 -7.79 37.46 0.02
C PHE E 3 -8.89 37.12 -0.97
N LEU E 4 -10.12 37.00 -0.47
CA LEU E 4 -11.27 36.65 -1.28
C LEU E 4 -12.17 37.87 -1.40
N GLU E 5 -12.89 37.98 -2.49
CA GLU E 5 -13.70 39.16 -2.74
C GLU E 5 -14.79 39.31 -1.67
N HIS E 6 -15.34 38.19 -1.15
CA HIS E 6 -16.48 38.29 -0.25
C HIS E 6 -16.07 38.73 1.14
N GLU E 7 -14.75 38.69 1.42
CA GLU E 7 -14.15 39.16 2.64
C GLU E 7 -14.20 40.69 2.72
N LEU E 8 -14.33 41.37 1.58
CA LEU E 8 -14.44 42.82 1.55
C LEU E 8 -15.69 43.28 2.31
N SER E 9 -16.76 42.48 2.26
CA SER E 9 -17.99 42.80 2.98
C SER E 9 -17.77 42.73 4.49
N TYR E 10 -16.80 41.91 4.93
CA TYR E 10 -16.39 41.86 6.32
C TYR E 10 -15.66 43.15 6.74
N ILE E 11 -14.86 43.74 5.85
CA ILE E 11 -14.24 45.04 6.09
C ILE E 11 -15.32 46.11 6.25
N ASP E 12 -16.46 45.98 5.56
CA ASP E 12 -17.55 46.94 5.70
C ASP E 12 -18.16 46.89 7.12
N VAL E 13 -18.30 45.69 7.69
CA VAL E 13 -18.93 45.50 8.99
C VAL E 13 -17.99 46.07 10.07
N LEU E 14 -16.68 45.96 9.88
CA LEU E 14 -15.72 46.45 10.85
C LEU E 14 -15.74 47.98 10.92
N LEU E 15 -16.01 48.61 9.79
CA LEU E 15 -15.98 50.07 9.66
C LEU E 15 -17.36 50.67 9.90
N ASP E 16 -18.39 49.82 10.01
CA ASP E 16 -19.73 50.22 10.46
C ASP E 16 -19.70 50.52 11.96
N LYS E 17 -19.83 51.79 12.36
CA LYS E 17 -19.79 52.18 13.77
C LYS E 17 -20.99 51.60 14.54
N ASN E 18 -22.12 51.42 13.85
CA ASN E 18 -23.37 51.02 14.48
C ASN E 18 -23.58 49.51 14.45
N ALA E 19 -22.57 48.75 13.99
CA ALA E 19 -22.61 47.29 14.00
C ALA E 19 -22.25 46.77 15.39
N ASP E 20 -22.72 45.56 15.67
CA ASP E 20 -22.62 44.93 16.97
C ASP E 20 -21.15 44.62 17.27
N GLN E 21 -20.72 44.84 18.53
CA GLN E 21 -19.33 44.69 18.97
C GLN E 21 -18.86 43.23 18.94
N ALA E 22 -19.80 42.35 19.27
CA ALA E 22 -19.56 40.92 19.30
C ALA E 22 -19.34 40.40 17.87
N THR E 23 -20.12 40.95 16.92
CA THR E 23 -19.98 40.66 15.49
C THR E 23 -18.59 41.06 14.99
N LYS E 24 -18.09 42.19 15.48
CA LYS E 24 -16.80 42.70 15.05
C LYS E 24 -15.67 41.86 15.61
N ASP E 25 -15.86 41.36 16.83
CA ASP E 25 -14.82 40.58 17.48
C ASP E 25 -14.74 39.19 16.83
N ASN E 26 -15.90 38.68 16.36
CA ASN E 26 -15.95 37.38 15.69
C ASN E 26 -15.17 37.46 14.36
N LEU E 27 -15.33 38.57 13.65
CA LEU E 27 -14.59 38.78 12.42
C LEU E 27 -13.11 39.08 12.69
N ARG E 28 -12.78 39.87 13.72
CA ARG E 28 -11.39 40.18 13.99
C ARG E 28 -10.66 38.86 14.23
N SER E 29 -11.36 37.94 14.88
CA SER E 29 -10.83 36.64 15.30
C SER E 29 -10.60 35.74 14.08
N TYR E 30 -11.57 35.77 13.14
CA TYR E 30 -11.49 35.15 11.83
C TYR E 30 -10.22 35.58 11.09
N PHE E 31 -10.01 36.89 11.02
CA PHE E 31 -8.87 37.47 10.31
C PHE E 31 -7.58 37.27 11.09
N ALA E 32 -7.66 37.25 12.42
CA ALA E 32 -6.48 37.07 13.26
C ALA E 32 -5.92 35.66 13.08
N ASP E 33 -6.80 34.70 12.78
CA ASP E 33 -6.38 33.32 12.54
C ASP E 33 -5.63 33.24 11.21
N LYS E 34 -5.98 34.10 10.24
CA LYS E 34 -5.33 34.13 8.94
C LYS E 34 -4.07 35.00 8.94
N GLY E 35 -3.73 35.59 10.10
CA GLY E 35 -2.48 36.32 10.26
C GLY E 35 -2.65 37.82 10.09
N LEU E 36 -3.90 38.30 10.00
CA LEU E 36 -4.19 39.73 9.92
C LEU E 36 -4.78 40.28 11.24
N HIS E 37 -4.06 41.17 11.92
CA HIS E 37 -4.37 41.51 13.30
C HIS E 37 -5.10 42.84 13.50
N SER E 38 -4.94 43.80 12.60
CA SER E 38 -5.61 45.11 12.68
C SER E 38 -6.42 45.34 11.40
N ILE E 39 -7.30 46.35 11.37
CA ILE E 39 -8.10 46.66 10.18
C ILE E 39 -7.18 47.15 9.06
N LYS E 40 -6.05 47.75 9.42
CA LYS E 40 -5.05 48.25 8.48
C LYS E 40 -4.37 47.08 7.79
N ASP E 41 -3.95 46.09 8.58
CA ASP E 41 -3.41 44.84 8.04
C ASP E 41 -4.36 44.18 7.02
N ILE E 42 -5.66 44.22 7.28
CA ILE E 42 -6.65 43.54 6.47
C ILE E 42 -6.82 44.29 5.15
N ILE E 43 -7.00 45.61 5.21
CA ILE E 43 -7.13 46.43 4.01
C ILE E 43 -5.87 46.36 3.16
N ASN E 44 -4.70 46.28 3.80
CA ASN E 44 -3.45 46.23 3.07
C ASN E 44 -3.25 44.89 2.36
N LYS E 45 -3.84 43.84 2.92
CA LYS E 45 -3.72 42.51 2.35
C LYS E 45 -4.62 42.38 1.12
N ALA E 46 -5.79 43.02 1.18
CA ALA E 46 -6.72 42.99 0.05
C ALA E 46 -6.13 43.73 -1.16
N LYS E 47 -5.35 44.80 -0.91
CA LYS E 47 -4.71 45.57 -1.96
C LYS E 47 -3.67 44.71 -2.68
N GLN E 48 -2.79 44.10 -1.88
CA GLN E 48 -1.72 43.25 -2.40
C GLN E 48 -2.30 42.23 -3.37
N ASP E 49 -3.50 41.72 -3.03
CA ASP E 49 -4.11 40.63 -3.73
C ASP E 49 -5.08 41.12 -4.82
N GLY E 50 -5.01 42.40 -5.23
CA GLY E 50 -5.61 42.84 -6.47
C GLY E 50 -6.91 43.63 -6.33
N PHE E 51 -7.41 43.77 -5.10
CA PHE E 51 -8.68 44.44 -4.86
C PHE E 51 -8.47 45.94 -4.73
N ASP E 52 -9.57 46.66 -4.97
CA ASP E 52 -9.58 48.12 -4.94
C ASP E 52 -10.21 48.62 -3.65
N VAL E 53 -9.40 49.33 -2.85
CA VAL E 53 -9.71 49.64 -1.45
C VAL E 53 -9.83 51.16 -1.26
N SER E 54 -10.06 51.87 -2.36
CA SER E 54 -9.99 53.32 -2.39
C SER E 54 -11.11 53.90 -1.52
N LYS E 55 -12.23 53.19 -1.39
CA LYS E 55 -13.35 53.63 -0.56
C LYS E 55 -13.10 53.32 0.91
N TYR E 56 -11.88 52.90 1.25
CA TYR E 56 -11.44 52.85 2.65
C TYR E 56 -10.54 54.07 2.96
N GLU E 57 -10.93 54.79 4.05
CA GLU E 57 -10.30 56.04 4.47
C GLU E 57 -10.07 56.09 5.98
N ALA F 1 31.79 -1.47 0.20
CA ALA F 1 32.42 -0.77 1.34
C ALA F 1 33.74 -1.46 1.70
N ASN F 2 33.76 -2.27 2.78
CA ASN F 2 34.99 -2.74 3.41
C ASN F 2 35.56 -3.94 2.65
N PHE F 3 36.91 -3.96 2.57
CA PHE F 3 37.69 -5.10 2.10
C PHE F 3 37.40 -6.32 2.98
N LEU F 4 37.39 -7.50 2.37
CA LEU F 4 37.00 -8.72 3.07
C LEU F 4 38.24 -9.60 3.25
N GLU F 5 38.24 -10.43 4.31
CA GLU F 5 39.43 -11.19 4.69
C GLU F 5 39.84 -12.17 3.58
N HIS F 6 38.85 -12.76 2.90
CA HIS F 6 39.12 -13.83 1.95
C HIS F 6 39.70 -13.26 0.66
N GLU F 7 39.55 -11.95 0.45
CA GLU F 7 40.08 -11.25 -0.72
C GLU F 7 41.61 -11.14 -0.64
N LEU F 8 42.20 -11.33 0.57
CA LEU F 8 43.65 -11.36 0.74
C LEU F 8 44.28 -12.47 -0.11
N SER F 9 43.58 -13.61 -0.20
CA SER F 9 44.05 -14.75 -0.96
C SER F 9 44.08 -14.45 -2.46
N TYR F 10 43.23 -13.51 -2.90
CA TYR F 10 43.23 -13.02 -4.28
C TYR F 10 44.48 -12.18 -4.56
N ILE F 11 44.96 -11.41 -3.55
CA ILE F 11 46.21 -10.65 -3.68
C ILE F 11 47.38 -11.61 -3.85
N ASP F 12 47.32 -12.80 -3.24
CA ASP F 12 48.36 -13.81 -3.38
C ASP F 12 48.44 -14.34 -4.81
N VAL F 13 47.28 -14.56 -5.48
CA VAL F 13 47.21 -15.12 -6.81
C VAL F 13 47.80 -14.12 -7.82
N LEU F 14 47.57 -12.82 -7.59
CA LEU F 14 48.06 -11.78 -8.48
C LEU F 14 49.58 -11.69 -8.42
N LEU F 15 50.15 -11.95 -7.22
CA LEU F 15 51.58 -11.81 -6.99
C LEU F 15 52.32 -13.13 -7.24
N ASP F 16 51.57 -14.21 -7.47
CA ASP F 16 52.13 -15.50 -7.90
C ASP F 16 52.60 -15.38 -9.35
N LYS F 17 53.94 -15.45 -9.55
CA LYS F 17 54.56 -15.26 -10.86
C LYS F 17 54.14 -16.37 -11.82
N ASN F 18 53.91 -17.57 -11.28
CA ASN F 18 53.71 -18.78 -12.06
C ASN F 18 52.22 -19.05 -12.29
N ALA F 19 51.32 -18.13 -11.88
CA ALA F 19 49.89 -18.33 -11.99
C ALA F 19 49.37 -17.95 -13.37
N ASP F 20 48.20 -18.48 -13.72
CA ASP F 20 47.55 -18.28 -15.01
C ASP F 20 47.15 -16.81 -15.20
N GLN F 21 47.40 -16.26 -16.41
CA GLN F 21 47.20 -14.85 -16.69
C GLN F 21 45.71 -14.51 -16.85
N ALA F 22 44.93 -15.49 -17.31
CA ALA F 22 43.48 -15.34 -17.42
C ALA F 22 42.86 -15.26 -16.02
N THR F 23 43.41 -16.03 -15.07
CA THR F 23 43.01 -16.00 -13.67
C THR F 23 43.26 -14.61 -13.09
N LYS F 24 44.40 -14.02 -13.46
CA LYS F 24 44.80 -12.70 -12.96
C LYS F 24 43.90 -11.60 -13.53
N ASP F 25 43.48 -11.75 -14.79
CA ASP F 25 42.64 -10.75 -15.42
C ASP F 25 41.21 -10.82 -14.84
N ASN F 26 40.76 -12.04 -14.46
CA ASN F 26 39.46 -12.24 -13.82
C ASN F 26 39.39 -11.46 -12.51
N LEU F 27 40.48 -11.55 -11.75
CA LEU F 27 40.61 -10.88 -10.46
C LEU F 27 40.79 -9.37 -10.64
N ARG F 28 41.62 -8.94 -11.62
CA ARG F 28 41.82 -7.51 -11.84
C ARG F 28 40.46 -6.86 -12.09
N SER F 29 39.63 -7.60 -12.84
CA SER F 29 38.32 -7.15 -13.30
C SER F 29 37.33 -7.07 -12.12
N TYR F 30 37.40 -8.07 -11.25
CA TYR F 30 36.64 -8.15 -10.00
C TYR F 30 36.92 -6.93 -9.12
N PHE F 31 38.21 -6.62 -8.95
CA PHE F 31 38.64 -5.48 -8.14
C PHE F 31 38.38 -4.15 -8.87
N ALA F 32 38.45 -4.15 -10.20
CA ALA F 32 38.22 -2.94 -10.97
C ALA F 32 36.74 -2.52 -10.87
N ASP F 33 35.85 -3.50 -10.64
CA ASP F 33 34.44 -3.21 -10.46
C ASP F 33 34.21 -2.52 -9.11
N LYS F 34 35.07 -2.81 -8.12
CA LYS F 34 35.00 -2.23 -6.79
C LYS F 34 35.72 -0.87 -6.73
N GLY F 35 36.28 -0.44 -7.86
CA GLY F 35 36.92 0.87 -7.98
C GLY F 35 38.43 0.82 -7.77
N LEU F 36 39.01 -0.39 -7.64
CA LEU F 36 40.43 -0.59 -7.37
C LEU F 36 41.15 -1.10 -8.63
N HIS F 37 42.04 -0.26 -9.20
CA HIS F 37 42.57 -0.48 -10.55
C HIS F 37 43.99 -1.06 -10.56
N SER F 38 44.80 -0.82 -9.50
CA SER F 38 46.17 -1.31 -9.45
C SER F 38 46.40 -2.21 -8.24
N ILE F 39 47.51 -2.97 -8.21
CA ILE F 39 47.80 -3.86 -7.09
C ILE F 39 48.09 -3.03 -5.84
N LYS F 40 48.61 -1.81 -6.05
CA LYS F 40 48.94 -0.88 -4.98
C LYS F 40 47.63 -0.42 -4.31
N ASP F 41 46.67 0.00 -5.14
CA ASP F 41 45.36 0.43 -4.64
C ASP F 41 44.66 -0.66 -3.83
N ILE F 42 44.85 -1.94 -4.21
CA ILE F 42 44.22 -3.05 -3.53
C ILE F 42 44.87 -3.26 -2.16
N ILE F 43 46.21 -3.31 -2.11
CA ILE F 43 46.92 -3.51 -0.86
C ILE F 43 46.71 -2.30 0.07
N ASN F 44 46.57 -1.09 -0.48
CA ASN F 44 46.46 0.11 0.34
C ASN F 44 45.02 0.30 0.87
N LYS F 45 44.07 -0.46 0.29
CA LYS F 45 42.70 -0.47 0.77
C LYS F 45 42.56 -1.49 1.90
N ALA F 46 43.24 -2.64 1.78
CA ALA F 46 43.14 -3.70 2.77
C ALA F 46 43.73 -3.24 4.10
N LYS F 47 44.79 -2.40 4.05
CA LYS F 47 45.47 -1.93 5.25
C LYS F 47 44.54 -0.97 6.00
N GLN F 48 43.92 -0.03 5.27
CA GLN F 48 42.96 0.90 5.85
C GLN F 48 41.88 0.15 6.63
N ASP F 49 41.43 -0.98 6.07
CA ASP F 49 40.29 -1.72 6.60
C ASP F 49 40.72 -2.80 7.61
N GLY F 50 41.93 -2.69 8.16
CA GLY F 50 42.29 -3.38 9.39
C GLY F 50 43.26 -4.55 9.17
N PHE F 51 43.57 -4.89 7.91
CA PHE F 51 44.40 -6.04 7.61
C PHE F 51 45.87 -5.63 7.55
N ASP F 52 46.78 -6.61 7.58
CA ASP F 52 48.22 -6.36 7.48
C ASP F 52 48.76 -6.72 6.09
N VAL F 53 49.34 -5.73 5.37
CA VAL F 53 49.89 -5.95 4.04
C VAL F 53 51.43 -5.81 4.04
N SER F 54 52.02 -5.72 5.24
CA SER F 54 53.47 -5.68 5.36
C SER F 54 54.08 -6.99 4.84
N LYS F 55 53.35 -8.10 5.01
CA LYS F 55 53.73 -9.39 4.46
C LYS F 55 53.76 -9.35 2.94
N TYR F 56 53.65 -8.14 2.37
CA TYR F 56 53.78 -7.89 0.94
C TYR F 56 54.61 -6.61 0.67
N GLU F 57 55.59 -6.24 1.52
CA GLU F 57 56.41 -5.03 1.30
C GLU F 57 57.70 -5.08 2.15
N HIS F 58 58.50 -4.00 2.15
CA HIS F 58 59.56 -3.80 3.14
C HIS F 58 59.18 -2.67 4.09
#